data_4XGW
#
_entry.id   4XGW
#
_cell.length_a   57.216
_cell.length_b   70.650
_cell.length_c   86.276
_cell.angle_alpha   75.720
_cell.angle_beta   71.910
_cell.angle_gamma   69.720
#
_symmetry.space_group_name_H-M   'P 1'
#
loop_
_entity.id
_entity.type
_entity.pdbx_description
1 polymer 'FAD:protein FMN transferase'
2 non-polymer 'CALCIUM ION'
3 non-polymer 'SODIUM ION'
4 non-polymer 1,2-ETHANEDIOL
5 water water
#
_entity_poly.entity_id   1
_entity_poly.type   'polypeptide(L)'
_entity_poly.pdbx_seq_one_letter_code
;MDQKPQPAKTHATEVTVLEGKTMGTFWRASIPGIDAKRSAELKEKIQTQLDADDQLLSTYKKDSALMRFNDSQSLSPWPV
SEAMADIVTTSLRIGAKTDGAMDITVGPLVNLWGFGPEQQPVQIPSQEQIDAMKAKTGLQHLTVINQSHQQYLQKDLPDL
YVDLSTVGKGYAADHLARLMEQEGISRYLVSVGGALNSRGMNGEGLPWRVAIQKPTDKENAVQAVVDINGHGISTSGSYR
NYYELDGKRLSHVIDPQTGRPIEHNLVSVTVIAPTALEADAWDTGLMVLGPEKAKEVVRREGLAVYMITKEGDSFKTWMS
PQFKSFLVSEKNLEHHHHHH
;
_entity_poly.pdbx_strand_id   A,B,C,D
#
loop_
_chem_comp.id
_chem_comp.type
_chem_comp.name
_chem_comp.formula
CA non-polymer 'CALCIUM ION' 'Ca 2'
EDO non-polymer 1,2-ETHANEDIOL 'C2 H6 O2'
NA non-polymer 'SODIUM ION' 'Na 1'
#
# COMPACT_ATOMS: atom_id res chain seq x y z
N ALA A 12 8.93 -34.20 19.04
CA ALA A 12 10.12 -33.99 18.22
C ALA A 12 10.50 -35.27 17.48
N THR A 13 10.57 -35.18 16.16
CA THR A 13 10.90 -36.33 15.33
C THR A 13 12.23 -36.14 14.61
N GLU A 14 12.87 -37.25 14.25
CA GLU A 14 14.20 -37.22 13.66
C GLU A 14 14.16 -36.84 12.17
N VAL A 15 15.05 -35.94 11.78
CA VAL A 15 15.20 -35.56 10.39
C VAL A 15 16.32 -36.37 9.75
N THR A 16 16.00 -37.08 8.67
CA THR A 16 16.99 -37.80 7.89
C THR A 16 17.55 -36.86 6.83
N VAL A 17 18.87 -36.82 6.74
CA VAL A 17 19.54 -36.02 5.72
C VAL A 17 20.19 -36.93 4.70
N LEU A 18 19.79 -36.77 3.44
CA LEU A 18 20.38 -37.50 2.33
C LEU A 18 21.15 -36.49 1.48
N GLU A 19 22.36 -36.87 1.06
CA GLU A 19 23.17 -36.01 0.22
C GLU A 19 23.91 -36.82 -0.84
N GLY A 20 24.25 -36.16 -1.94
CA GLY A 20 25.06 -36.78 -2.97
C GLY A 20 25.56 -35.77 -3.97
N LYS A 21 26.11 -36.26 -5.07
CA LYS A 21 26.66 -35.41 -6.11
C LYS A 21 25.76 -35.31 -7.32
N THR A 22 25.69 -34.12 -7.91
CA THR A 22 25.04 -33.92 -9.20
C THR A 22 25.46 -32.59 -9.80
N MET A 23 25.53 -32.54 -11.14
CA MET A 23 25.73 -31.29 -11.87
C MET A 23 26.93 -30.48 -11.40
N GLY A 24 28.02 -31.17 -11.05
CA GLY A 24 29.24 -30.49 -10.64
C GLY A 24 29.19 -29.94 -9.22
N THR A 25 28.08 -30.17 -8.55
CA THR A 25 27.87 -29.69 -7.18
C THR A 25 27.25 -30.81 -6.36
N PHE A 26 26.47 -30.46 -5.34
CA PHE A 26 25.89 -31.46 -4.45
C PHE A 26 24.41 -31.20 -4.22
N TRP A 27 23.67 -32.26 -3.90
CA TRP A 27 22.27 -32.13 -3.52
C TRP A 27 22.07 -32.58 -2.08
N ARG A 28 20.99 -32.11 -1.49
CA ARG A 28 20.64 -32.47 -0.11
C ARG A 28 19.12 -32.57 0.01
N ALA A 29 18.65 -33.60 0.70
CA ALA A 29 17.23 -33.71 1.04
C ALA A 29 17.10 -33.99 2.51
N SER A 30 16.34 -33.14 3.19
CA SER A 30 16.04 -33.31 4.61
C SER A 30 14.58 -33.67 4.75
N ILE A 31 14.31 -34.80 5.39
CA ILE A 31 12.96 -35.34 5.49
C ILE A 31 12.74 -35.87 6.90
N PRO A 32 11.67 -35.41 7.57
CA PRO A 32 11.43 -35.88 8.93
C PRO A 32 10.63 -37.19 8.97
N GLY A 33 10.87 -37.99 10.01
CA GLY A 33 10.05 -39.16 10.29
C GLY A 33 10.01 -40.20 9.18
N ILE A 34 11.18 -40.57 8.66
CA ILE A 34 11.30 -41.55 7.58
C ILE A 34 12.33 -42.60 8.01
N ASP A 35 12.03 -43.88 7.79
CA ASP A 35 12.89 -44.94 8.33
C ASP A 35 14.02 -45.28 7.37
N ALA A 36 14.92 -46.14 7.82
CA ALA A 36 16.15 -46.44 7.09
C ALA A 36 15.86 -47.10 5.74
N LYS A 37 14.90 -48.01 5.72
CA LYS A 37 14.53 -48.69 4.48
C LYS A 37 14.01 -47.69 3.46
N ARG A 38 13.10 -46.82 3.90
CA ARG A 38 12.52 -45.80 3.03
C ARG A 38 13.58 -44.80 2.58
N SER A 39 14.51 -44.45 3.46
CA SER A 39 15.57 -43.51 3.13
C SER A 39 16.46 -44.03 2.01
N ALA A 40 16.82 -45.30 2.11
CA ALA A 40 17.70 -45.93 1.12
C ALA A 40 17.03 -45.95 -0.24
N GLU A 41 15.75 -46.31 -0.25
CA GLU A 41 14.97 -46.35 -1.46
C GLU A 41 14.85 -44.96 -2.06
N LEU A 42 14.70 -43.97 -1.18
CA LEU A 42 14.51 -42.60 -1.63
C LEU A 42 15.80 -42.00 -2.16
N LYS A 43 16.94 -42.32 -1.53
CA LYS A 43 18.21 -41.86 -2.04
C LYS A 43 18.47 -42.40 -3.44
N GLU A 44 18.14 -43.67 -3.65
CA GLU A 44 18.31 -44.30 -4.96
C GLU A 44 17.47 -43.58 -6.01
N LYS A 45 16.22 -43.28 -5.67
CA LYS A 45 15.31 -42.62 -6.59
C LYS A 45 15.76 -41.20 -6.88
N ILE A 46 16.22 -40.50 -5.85
CA ILE A 46 16.71 -39.14 -6.00
C ILE A 46 17.92 -39.10 -6.92
N GLN A 47 18.92 -39.93 -6.63
CA GLN A 47 20.14 -39.95 -7.44
C GLN A 47 19.83 -40.33 -8.88
N THR A 48 18.98 -41.32 -9.06
CA THR A 48 18.58 -41.77 -10.39
C THR A 48 17.94 -40.62 -11.18
N GLN A 49 17.02 -39.90 -10.53
CA GLN A 49 16.36 -38.78 -11.18
C GLN A 49 17.33 -37.65 -11.49
N LEU A 50 18.20 -37.32 -10.55
CA LEU A 50 19.17 -36.24 -10.76
C LEU A 50 20.18 -36.61 -11.84
N ASP A 51 20.59 -37.88 -11.87
CA ASP A 51 21.46 -38.38 -12.92
C ASP A 51 20.81 -38.14 -14.28
N ALA A 52 19.51 -38.43 -14.37
CA ALA A 52 18.78 -38.27 -15.62
C ALA A 52 18.65 -36.80 -16.02
N ASP A 53 18.45 -35.93 -15.03
CA ASP A 53 18.37 -34.49 -15.30
C ASP A 53 19.72 -33.96 -15.77
N ASP A 54 20.80 -34.50 -15.21
CA ASP A 54 22.14 -34.11 -15.64
C ASP A 54 22.38 -34.57 -17.09
N GLN A 55 21.92 -35.77 -17.39
CA GLN A 55 22.04 -36.34 -18.73
C GLN A 55 21.21 -35.55 -19.75
N LEU A 56 20.14 -34.93 -19.27
CA LEU A 56 19.28 -34.11 -20.12
C LEU A 56 19.94 -32.78 -20.46
N LEU A 57 20.59 -32.18 -19.47
CA LEU A 57 20.93 -30.77 -19.52
C LEU A 57 22.41 -30.42 -19.67
N SER A 58 23.30 -31.34 -19.31
CA SER A 58 24.69 -30.99 -19.12
C SER A 58 25.43 -30.66 -20.43
N THR A 59 26.24 -29.61 -20.40
CA THR A 59 27.13 -29.29 -21.51
C THR A 59 28.48 -29.98 -21.34
N TYR A 60 28.68 -30.63 -20.19
CA TYR A 60 29.92 -31.35 -19.91
C TYR A 60 29.79 -32.83 -20.25
N LYS A 61 28.57 -33.23 -20.60
CA LYS A 61 28.31 -34.59 -21.07
C LYS A 61 28.10 -34.54 -22.58
N LYS A 62 28.98 -35.21 -23.31
CA LYS A 62 29.07 -35.07 -24.76
C LYS A 62 27.81 -35.55 -25.49
N ASP A 63 27.10 -36.51 -24.90
CA ASP A 63 25.91 -37.06 -25.53
C ASP A 63 24.64 -36.71 -24.76
N SER A 64 24.68 -35.62 -24.00
CA SER A 64 23.48 -35.12 -23.35
C SER A 64 22.46 -34.72 -24.41
N ALA A 65 21.19 -34.66 -24.03
CA ALA A 65 20.15 -34.21 -24.94
C ALA A 65 20.48 -32.82 -25.48
N LEU A 66 20.96 -31.95 -24.59
CA LEU A 66 21.27 -30.58 -24.98
C LEU A 66 22.46 -30.51 -25.94
N MET A 67 23.48 -31.32 -25.68
CA MET A 67 24.67 -31.29 -26.53
C MET A 67 24.39 -31.88 -27.92
N ARG A 68 23.46 -32.81 -28.03
CA ARG A 68 23.08 -33.35 -29.34
C ARG A 68 22.49 -32.21 -30.18
N PHE A 69 21.67 -31.37 -29.54
CA PHE A 69 21.11 -30.20 -30.20
C PHE A 69 22.21 -29.20 -30.56
N ASN A 70 23.08 -28.91 -29.59
CA ASN A 70 24.19 -27.99 -29.82
C ASN A 70 25.11 -28.45 -30.96
N ASP A 71 25.37 -29.75 -31.02
CA ASP A 71 26.27 -30.29 -32.04
C ASP A 71 25.63 -30.30 -33.43
N SER A 72 24.31 -30.30 -33.49
CA SER A 72 23.62 -30.34 -34.77
C SER A 72 23.71 -28.98 -35.47
N GLN A 73 23.68 -29.00 -36.79
CA GLN A 73 23.70 -27.78 -37.59
C GLN A 73 22.29 -27.49 -38.10
N SER A 74 21.31 -28.20 -37.56
CA SER A 74 19.94 -28.12 -38.06
C SER A 74 19.27 -26.81 -37.72
N LEU A 75 18.51 -26.29 -38.69
CA LEU A 75 17.74 -25.06 -38.51
C LEU A 75 16.25 -25.38 -38.40
N SER A 76 15.91 -26.66 -38.38
CA SER A 76 14.53 -27.11 -38.30
C SER A 76 14.21 -27.56 -36.89
N PRO A 77 12.90 -27.72 -36.56
CA PRO A 77 12.54 -28.14 -35.20
C PRO A 77 13.17 -29.48 -34.76
N TRP A 78 13.66 -29.47 -33.53
CA TRP A 78 14.42 -30.58 -32.96
C TRP A 78 13.66 -31.13 -31.75
N PRO A 79 13.22 -32.40 -31.80
CA PRO A 79 12.41 -32.93 -30.69
C PRO A 79 13.13 -32.91 -29.35
N VAL A 80 12.47 -32.40 -28.32
CA VAL A 80 13.00 -32.42 -26.96
C VAL A 80 11.91 -32.82 -25.97
N SER A 81 12.32 -33.00 -24.70
CA SER A 81 11.39 -33.37 -23.65
C SER A 81 10.54 -32.18 -23.22
N GLU A 82 9.44 -32.45 -22.52
CA GLU A 82 8.61 -31.39 -21.98
C GLU A 82 9.41 -30.49 -21.05
N ALA A 83 10.26 -31.09 -20.24
CA ALA A 83 11.06 -30.33 -19.29
C ALA A 83 12.04 -29.41 -20.04
N MET A 84 12.67 -29.90 -21.09
CA MET A 84 13.58 -29.06 -21.88
C MET A 84 12.83 -27.86 -22.45
N ALA A 85 11.65 -28.11 -23.02
CA ALA A 85 10.85 -27.05 -23.60
C ALA A 85 10.52 -25.96 -22.59
N ASP A 86 10.11 -26.37 -21.40
CA ASP A 86 9.68 -25.42 -20.38
C ASP A 86 10.85 -24.68 -19.75
N ILE A 87 11.97 -25.36 -19.55
CA ILE A 87 13.17 -24.71 -19.02
C ILE A 87 13.62 -23.60 -19.96
N VAL A 88 13.65 -23.90 -21.25
CA VAL A 88 14.08 -22.93 -22.26
C VAL A 88 13.08 -21.79 -22.36
N THR A 89 11.79 -22.12 -22.38
CA THR A 89 10.75 -21.08 -22.44
C THR A 89 10.91 -20.10 -21.28
N THR A 90 11.03 -20.63 -20.07
CA THR A 90 11.19 -19.80 -18.89
C THR A 90 12.46 -18.95 -18.99
N SER A 91 13.53 -19.55 -19.45
CA SER A 91 14.82 -18.87 -19.59
C SER A 91 14.79 -17.73 -20.59
N LEU A 92 14.15 -17.95 -21.74
CA LEU A 92 14.07 -16.93 -22.78
C LEU A 92 13.26 -15.74 -22.32
N ARG A 93 12.15 -15.99 -21.65
CA ARG A 93 11.28 -14.92 -21.18
C ARG A 93 11.95 -14.07 -20.10
N ILE A 94 12.61 -14.73 -19.15
CA ILE A 94 13.30 -13.98 -18.09
C ILE A 94 14.52 -13.30 -18.67
N GLY A 95 15.09 -13.90 -19.71
CA GLY A 95 16.10 -13.22 -20.50
C GLY A 95 15.59 -11.90 -21.04
N ALA A 96 14.41 -11.93 -21.65
CA ALA A 96 13.78 -10.72 -22.18
C ALA A 96 13.52 -9.70 -21.07
N LYS A 97 13.03 -10.16 -19.93
CA LYS A 97 12.64 -9.27 -18.85
C LYS A 97 13.81 -8.70 -18.07
N THR A 98 15.01 -9.24 -18.31
CA THR A 98 16.24 -8.67 -17.73
C THR A 98 17.07 -7.98 -18.81
N ASP A 99 16.41 -7.61 -19.90
CA ASP A 99 17.04 -6.87 -21.01
C ASP A 99 18.27 -7.60 -21.54
N GLY A 100 18.16 -8.92 -21.62
CA GLY A 100 19.21 -9.75 -22.21
C GLY A 100 20.31 -10.18 -21.26
N ALA A 101 20.23 -9.75 -20.01
CA ALA A 101 21.29 -10.05 -19.03
C ALA A 101 21.35 -11.53 -18.68
N MET A 102 20.20 -12.18 -18.61
CA MET A 102 20.14 -13.63 -18.45
C MET A 102 20.07 -14.27 -19.84
N ASP A 103 21.18 -14.82 -20.29
CA ASP A 103 21.31 -15.26 -21.68
C ASP A 103 21.87 -16.67 -21.76
N ILE A 104 21.01 -17.64 -22.06
CA ILE A 104 21.42 -19.04 -22.13
C ILE A 104 22.21 -19.36 -23.40
N THR A 105 22.47 -18.36 -24.23
CA THR A 105 23.27 -18.54 -25.44
C THR A 105 24.65 -17.88 -25.34
N VAL A 106 25.03 -17.44 -24.15
CA VAL A 106 26.26 -16.66 -23.96
C VAL A 106 27.52 -17.53 -23.92
N GLY A 107 27.35 -18.85 -23.92
CA GLY A 107 28.46 -19.79 -23.78
C GLY A 107 29.72 -19.50 -24.58
N PRO A 108 29.58 -19.23 -25.89
CA PRO A 108 30.75 -18.96 -26.73
C PRO A 108 31.59 -17.77 -26.25
N LEU A 109 30.96 -16.74 -25.70
CA LEU A 109 31.68 -15.59 -25.17
C LEU A 109 32.44 -15.96 -23.89
N VAL A 110 31.81 -16.75 -23.03
CA VAL A 110 32.47 -17.22 -21.82
C VAL A 110 33.68 -18.08 -22.19
N ASN A 111 33.50 -18.95 -23.17
CA ASN A 111 34.58 -19.82 -23.63
C ASN A 111 35.70 -19.04 -24.29
N LEU A 112 35.36 -17.92 -24.93
CA LEU A 112 36.36 -17.06 -25.56
C LEU A 112 37.32 -16.49 -24.54
N TRP A 113 36.81 -16.12 -23.37
CA TRP A 113 37.62 -15.60 -22.28
C TRP A 113 38.33 -16.72 -21.53
N GLY A 114 37.87 -17.95 -21.74
CA GLY A 114 38.37 -19.09 -20.99
C GLY A 114 37.87 -19.06 -19.55
N PHE A 115 36.66 -18.53 -19.37
CA PHE A 115 36.10 -18.35 -18.04
C PHE A 115 35.12 -19.47 -17.67
N GLY A 116 35.07 -20.53 -18.48
CA GLY A 116 34.35 -21.72 -18.11
C GLY A 116 35.09 -22.38 -16.96
N PRO A 117 34.37 -23.10 -16.09
CA PRO A 117 35.01 -23.64 -14.88
C PRO A 117 36.09 -24.69 -15.16
N GLU A 118 35.96 -25.43 -16.25
CA GLU A 118 36.92 -26.48 -16.60
C GLU A 118 37.83 -26.08 -17.75
N GLN A 119 38.44 -24.90 -17.65
CA GLN A 119 39.39 -24.44 -18.65
C GLN A 119 40.28 -23.34 -18.09
N VAL A 122 43.27 -18.70 -21.42
CA VAL A 122 43.52 -18.25 -22.78
C VAL A 122 43.87 -16.77 -22.80
N GLN A 123 44.26 -16.28 -23.98
CA GLN A 123 44.61 -14.88 -24.15
C GLN A 123 43.38 -13.99 -24.03
N ILE A 124 43.59 -12.77 -23.55
CA ILE A 124 42.55 -11.75 -23.51
C ILE A 124 42.09 -11.45 -24.93
N PRO A 125 40.78 -11.61 -25.21
CA PRO A 125 40.30 -11.33 -26.57
C PRO A 125 40.18 -9.85 -26.88
N SER A 126 40.43 -9.47 -28.13
CA SER A 126 40.22 -8.09 -28.56
C SER A 126 38.73 -7.81 -28.65
N GLN A 127 38.36 -6.53 -28.65
CA GLN A 127 36.94 -6.17 -28.75
C GLN A 127 36.39 -6.61 -30.11
N GLU A 128 37.22 -6.53 -31.14
CA GLU A 128 36.81 -6.95 -32.48
C GLU A 128 36.42 -8.42 -32.48
N GLN A 129 37.21 -9.24 -31.80
CA GLN A 129 36.94 -10.67 -31.74
C GLN A 129 35.68 -10.95 -30.92
N ILE A 130 35.52 -10.21 -29.82
CA ILE A 130 34.34 -10.33 -28.98
C ILE A 130 33.07 -10.03 -29.78
N ASP A 131 33.11 -8.96 -30.56
CA ASP A 131 31.96 -8.53 -31.35
C ASP A 131 31.64 -9.56 -32.43
N ALA A 132 32.66 -10.18 -33.00
CA ALA A 132 32.45 -11.23 -33.99
C ALA A 132 31.82 -12.45 -33.34
N MET A 133 32.28 -12.79 -32.13
CA MET A 133 31.72 -13.92 -31.41
C MET A 133 30.25 -13.66 -31.03
N LYS A 134 29.93 -12.40 -30.75
CA LYS A 134 28.57 -12.04 -30.38
C LYS A 134 27.57 -12.38 -31.49
N ALA A 135 28.06 -12.50 -32.71
CA ALA A 135 27.21 -12.87 -33.84
C ALA A 135 26.68 -14.28 -33.66
N LYS A 136 27.37 -15.08 -32.86
CA LYS A 136 27.00 -16.48 -32.62
C LYS A 136 26.12 -16.64 -31.38
N THR A 137 25.68 -15.52 -30.80
CA THR A 137 24.85 -15.55 -29.61
C THR A 137 23.64 -14.64 -29.75
N GLY A 138 22.66 -14.84 -28.86
CA GLY A 138 21.52 -13.95 -28.79
C GLY A 138 20.21 -14.70 -28.56
N LEU A 139 19.41 -14.18 -27.64
CA LEU A 139 18.14 -14.80 -27.26
C LEU A 139 17.16 -14.92 -28.42
N GLN A 140 17.29 -14.05 -29.42
CA GLN A 140 16.35 -14.03 -30.53
C GLN A 140 16.44 -15.27 -31.42
N HIS A 141 17.53 -16.02 -31.27
CA HIS A 141 17.84 -17.10 -32.19
C HIS A 141 17.16 -18.43 -31.85
N LEU A 142 16.45 -18.46 -30.73
CA LEU A 142 15.92 -19.73 -30.21
C LEU A 142 14.39 -19.70 -30.04
N THR A 143 13.75 -20.77 -30.49
CA THR A 143 12.30 -20.91 -30.43
C THR A 143 11.90 -22.23 -29.77
N VAL A 144 10.85 -22.21 -28.97
CA VAL A 144 10.26 -23.43 -28.41
C VAL A 144 8.89 -23.66 -29.02
N ILE A 145 8.66 -24.89 -29.50
CA ILE A 145 7.40 -25.26 -30.13
C ILE A 145 6.72 -26.38 -29.36
N ASN A 146 5.48 -26.15 -28.94
CA ASN A 146 4.71 -27.14 -28.19
C ASN A 146 3.49 -27.65 -28.94
N GLN A 147 3.27 -28.96 -28.87
CA GLN A 147 2.12 -29.64 -29.46
C GLN A 147 1.62 -30.69 -28.47
N SER A 148 0.51 -31.36 -28.78
CA SER A 148 -0.12 -32.27 -27.82
C SER A 148 0.82 -33.36 -27.30
N HIS A 149 1.49 -34.06 -28.21
CA HIS A 149 2.31 -35.21 -27.85
C HIS A 149 3.82 -35.01 -28.10
N GLN A 150 4.21 -33.78 -28.43
CA GLN A 150 5.59 -33.52 -28.81
C GLN A 150 5.92 -32.05 -28.63
N GLN A 151 7.20 -31.76 -28.48
CA GLN A 151 7.67 -30.39 -28.41
C GLN A 151 9.09 -30.31 -28.96
N TYR A 152 9.51 -29.09 -29.33
CA TYR A 152 10.73 -28.91 -30.09
C TYR A 152 11.51 -27.68 -29.65
N LEU A 153 12.83 -27.73 -29.87
CA LEU A 153 13.63 -26.51 -29.92
C LEU A 153 13.97 -26.24 -31.37
N GLN A 154 14.13 -24.97 -31.71
CA GLN A 154 14.55 -24.59 -33.05
C GLN A 154 15.46 -23.37 -32.99
N LYS A 155 16.62 -23.49 -33.62
CA LYS A 155 17.57 -22.38 -33.72
C LYS A 155 17.66 -21.92 -35.18
N ASP A 156 17.85 -20.62 -35.38
CA ASP A 156 17.99 -20.07 -36.72
C ASP A 156 19.44 -19.69 -37.00
N LEU A 157 20.33 -20.29 -36.22
CA LEU A 157 21.77 -20.09 -36.36
C LEU A 157 22.45 -21.41 -36.04
N PRO A 158 23.11 -22.05 -37.03
CA PRO A 158 23.60 -23.42 -36.81
C PRO A 158 24.56 -23.56 -35.62
N ASP A 159 25.40 -22.57 -35.41
CA ASP A 159 26.43 -22.65 -34.38
C ASP A 159 26.00 -21.98 -33.07
N LEU A 160 24.70 -21.71 -32.93
CA LEU A 160 24.16 -21.30 -31.64
C LEU A 160 24.49 -22.38 -30.63
N TYR A 161 24.83 -21.97 -29.42
CA TYR A 161 25.24 -22.88 -28.36
C TYR A 161 24.43 -22.57 -27.12
N VAL A 162 23.64 -23.55 -26.67
CA VAL A 162 22.78 -23.36 -25.51
C VAL A 162 23.39 -24.02 -24.28
N ASP A 163 23.40 -23.26 -23.19
CA ASP A 163 23.96 -23.69 -21.92
C ASP A 163 22.94 -23.36 -20.82
N LEU A 164 22.54 -24.37 -20.07
CA LEU A 164 21.48 -24.20 -19.07
C LEU A 164 21.99 -24.33 -17.64
N SER A 165 23.29 -24.14 -17.46
CA SER A 165 23.89 -24.31 -16.13
C SER A 165 23.37 -23.26 -15.15
N THR A 166 22.89 -22.13 -15.67
CA THR A 166 22.43 -21.04 -14.81
C THR A 166 21.00 -21.25 -14.31
N VAL A 167 20.31 -22.25 -14.85
CA VAL A 167 18.93 -22.54 -14.43
C VAL A 167 18.71 -24.01 -14.10
N GLY A 168 19.70 -24.85 -14.38
CA GLY A 168 19.53 -26.28 -14.22
C GLY A 168 19.33 -26.72 -12.78
N LYS A 169 19.96 -26.04 -11.84
CA LYS A 169 19.86 -26.43 -10.44
C LYS A 169 18.47 -26.09 -9.89
N GLY A 170 17.92 -24.97 -10.31
CA GLY A 170 16.57 -24.59 -9.92
C GLY A 170 15.57 -25.59 -10.47
N TYR A 171 15.70 -25.93 -11.74
CA TYR A 171 14.85 -26.97 -12.31
C TYR A 171 14.94 -28.26 -11.51
N ALA A 172 16.16 -28.70 -11.24
CA ALA A 172 16.38 -29.99 -10.59
C ALA A 172 15.75 -30.01 -9.20
N ALA A 173 15.84 -28.88 -8.50
CA ALA A 173 15.25 -28.76 -7.17
C ALA A 173 13.72 -28.82 -7.24
N ASP A 174 13.13 -28.19 -8.26
CA ASP A 174 11.69 -28.26 -8.47
C ASP A 174 11.28 -29.69 -8.80
N HIS A 175 12.09 -30.35 -9.61
CA HIS A 175 11.80 -31.71 -10.05
C HIS A 175 11.89 -32.67 -8.86
N LEU A 176 12.78 -32.37 -7.92
CA LEU A 176 12.86 -33.14 -6.68
C LEU A 176 11.59 -33.00 -5.86
N ALA A 177 10.99 -31.81 -5.86
CA ALA A 177 9.74 -31.61 -5.15
C ALA A 177 8.63 -32.49 -5.74
N ARG A 178 8.60 -32.57 -7.07
CA ARG A 178 7.67 -33.46 -7.76
C ARG A 178 7.89 -34.91 -7.33
N LEU A 179 9.15 -35.31 -7.19
CA LEU A 179 9.48 -36.67 -6.78
C LEU A 179 9.00 -36.92 -5.34
N MET A 180 9.21 -35.93 -4.46
CA MET A 180 8.73 -36.03 -3.08
C MET A 180 7.23 -36.32 -3.06
N GLU A 181 6.46 -35.57 -3.85
CA GLU A 181 5.01 -35.77 -3.93
C GLU A 181 4.66 -37.16 -4.41
N GLN A 182 5.33 -37.57 -5.49
CA GLN A 182 5.10 -38.86 -6.09
C GLN A 182 5.29 -39.95 -5.02
N GLU A 183 6.25 -39.69 -4.13
CA GLU A 183 6.63 -40.64 -3.10
C GLU A 183 5.85 -40.43 -1.79
N GLY A 184 4.86 -39.55 -1.80
CA GLY A 184 4.01 -39.35 -0.64
C GLY A 184 4.71 -38.65 0.51
N ILE A 185 5.69 -37.81 0.18
CA ILE A 185 6.44 -37.05 1.19
C ILE A 185 5.98 -35.60 1.19
N SER A 186 5.37 -35.18 2.29
CA SER A 186 4.69 -33.88 2.37
C SER A 186 5.55 -32.81 3.02
N ARG A 187 6.55 -33.24 3.78
CA ARG A 187 7.45 -32.32 4.49
C ARG A 187 8.88 -32.58 4.08
N TYR A 188 9.56 -31.53 3.62
CA TYR A 188 10.92 -31.68 3.12
C TYR A 188 11.61 -30.35 2.88
N LEU A 189 12.94 -30.42 2.88
CA LEU A 189 13.76 -29.35 2.38
C LEU A 189 14.72 -30.00 1.39
N VAL A 190 14.57 -29.66 0.11
CA VAL A 190 15.41 -30.23 -0.93
C VAL A 190 16.25 -29.14 -1.56
N SER A 191 17.50 -29.48 -1.89
CA SER A 191 18.38 -28.52 -2.51
C SER A 191 19.31 -29.16 -3.53
N VAL A 192 19.61 -28.40 -4.57
CA VAL A 192 20.62 -28.74 -5.55
C VAL A 192 21.51 -27.51 -5.67
N GLY A 193 22.76 -27.64 -5.24
CA GLY A 193 23.59 -26.47 -5.02
C GLY A 193 22.86 -25.47 -4.15
N GLY A 194 22.85 -24.22 -4.58
CA GLY A 194 22.22 -23.16 -3.82
C GLY A 194 20.75 -22.92 -4.11
N ALA A 195 20.14 -23.84 -4.86
CA ALA A 195 18.70 -23.76 -5.14
C ALA A 195 17.95 -24.68 -4.19
N LEU A 196 16.95 -24.15 -3.48
CA LEU A 196 16.20 -24.95 -2.51
C LEU A 196 14.70 -24.78 -2.67
N ASN A 197 13.97 -25.82 -2.27
CA ASN A 197 12.53 -25.74 -2.04
C ASN A 197 12.20 -26.19 -0.63
N SER A 198 11.30 -25.45 0.02
CA SER A 198 10.92 -25.69 1.41
C SER A 198 9.43 -26.01 1.50
N ARG A 199 9.10 -27.09 2.21
CA ARG A 199 7.70 -27.41 2.46
C ARG A 199 7.49 -28.06 3.82
N GLY A 200 6.63 -27.46 4.62
CA GLY A 200 6.21 -28.05 5.88
C GLY A 200 7.14 -27.78 7.05
N MET A 201 6.85 -28.44 8.17
CA MET A 201 7.60 -28.26 9.41
C MET A 201 8.75 -29.26 9.50
N ASN A 202 9.83 -28.84 10.14
CA ASN A 202 10.95 -29.73 10.40
C ASN A 202 10.62 -30.68 11.56
N GLY A 203 11.64 -31.38 12.06
CA GLY A 203 11.44 -32.33 13.14
C GLY A 203 10.96 -31.70 14.43
N GLU A 204 11.25 -30.41 14.61
CA GLU A 204 10.82 -29.69 15.80
C GLU A 204 9.45 -29.04 15.62
N GLY A 205 8.83 -29.28 14.46
CA GLY A 205 7.52 -28.72 14.18
C GLY A 205 7.59 -27.24 13.83
N LEU A 206 8.76 -26.79 13.38
CA LEU A 206 8.95 -25.40 12.97
C LEU A 206 9.32 -25.33 11.49
N PRO A 207 9.13 -24.17 10.86
CA PRO A 207 9.54 -24.00 9.46
C PRO A 207 11.00 -24.33 9.26
N TRP A 208 11.33 -24.97 8.13
CA TRP A 208 12.72 -25.27 7.81
C TRP A 208 13.55 -24.01 7.87
N ARG A 209 14.68 -24.09 8.55
CA ARG A 209 15.56 -22.94 8.69
C ARG A 209 16.35 -22.74 7.41
N VAL A 210 16.19 -21.56 6.82
CA VAL A 210 16.94 -21.19 5.62
C VAL A 210 17.69 -19.89 5.90
N ALA A 211 19.00 -19.99 5.92
CA ALA A 211 19.87 -18.88 6.29
C ALA A 211 20.49 -18.24 5.06
N ILE A 212 20.52 -16.90 5.06
CA ILE A 212 21.25 -16.15 4.05
C ILE A 212 22.44 -15.49 4.75
N GLN A 213 23.62 -15.60 4.14
CA GLN A 213 24.81 -14.99 4.72
C GLN A 213 24.82 -13.48 4.50
N GLN A 223 23.92 -14.42 10.29
CA GLN A 223 22.95 -15.07 9.42
C GLN A 223 21.55 -14.51 9.58
N ALA A 224 21.05 -13.87 8.53
CA ALA A 224 19.63 -13.53 8.47
C ALA A 224 18.87 -14.79 8.06
N VAL A 225 17.70 -14.99 8.65
CA VAL A 225 16.93 -16.21 8.44
C VAL A 225 15.60 -15.89 7.77
N VAL A 226 15.28 -16.68 6.74
CA VAL A 226 14.00 -16.56 6.05
C VAL A 226 13.18 -17.84 6.23
N ASP A 227 11.85 -17.69 6.18
CA ASP A 227 10.96 -18.84 6.11
C ASP A 227 10.32 -18.83 4.73
N ILE A 228 10.73 -19.78 3.90
CA ILE A 228 10.26 -19.86 2.52
C ILE A 228 9.35 -21.07 2.32
N ASN A 229 8.64 -21.44 3.37
CA ASN A 229 7.63 -22.50 3.30
C ASN A 229 6.74 -22.30 2.09
N GLY A 230 6.70 -23.32 1.22
CA GLY A 230 5.85 -23.27 0.03
C GLY A 230 6.47 -22.53 -1.13
N HIS A 231 7.74 -22.12 -0.98
CA HIS A 231 8.44 -21.37 -2.00
C HIS A 231 9.80 -21.97 -2.28
N GLY A 232 10.48 -21.42 -3.29
CA GLY A 232 11.84 -21.81 -3.61
C GLY A 232 12.77 -20.61 -3.53
N ILE A 233 14.07 -20.87 -3.54
CA ILE A 233 15.07 -19.83 -3.39
C ILE A 233 16.32 -20.21 -4.16
N SER A 234 17.09 -19.23 -4.61
CA SER A 234 18.33 -19.48 -5.30
C SER A 234 19.27 -18.29 -5.14
N THR A 235 20.57 -18.57 -5.17
CA THR A 235 21.58 -17.53 -5.06
C THR A 235 22.59 -17.65 -6.20
N SER A 236 23.01 -16.50 -6.71
CA SER A 236 24.04 -16.41 -7.72
C SER A 236 25.03 -15.36 -7.26
N GLY A 237 26.30 -15.51 -7.61
CA GLY A 237 27.30 -14.57 -7.16
C GLY A 237 28.49 -14.40 -8.08
N SER A 238 29.38 -13.50 -7.67
CA SER A 238 30.63 -13.24 -8.36
C SER A 238 31.72 -13.21 -7.31
N TYR A 239 32.58 -14.24 -7.31
CA TYR A 239 33.44 -14.52 -6.17
C TYR A 239 34.93 -14.29 -6.40
N ARG A 240 35.30 -13.92 -7.63
CA ARG A 240 36.70 -13.68 -7.95
C ARG A 240 37.36 -12.61 -7.09
N ASN A 241 36.55 -11.69 -6.56
CA ASN A 241 37.05 -10.61 -5.71
C ASN A 241 36.38 -10.56 -4.35
N TYR A 242 35.43 -11.48 -4.12
CA TYR A 242 34.61 -11.49 -2.91
C TYR A 242 35.41 -11.44 -1.61
N TYR A 243 36.60 -12.05 -1.63
CA TYR A 243 37.39 -12.25 -0.41
C TYR A 243 38.67 -11.43 -0.43
N GLU A 244 38.68 -10.37 -1.24
CA GLU A 244 39.84 -9.48 -1.32
C GLU A 244 39.65 -8.25 -0.44
N GLY A 247 39.42 -4.87 -5.03
CA GLY A 247 39.52 -5.91 -6.05
C GLY A 247 40.90 -5.99 -6.64
N LYS A 248 41.29 -7.18 -7.08
CA LYS A 248 42.61 -7.41 -7.66
C LYS A 248 42.54 -8.05 -9.04
N ARG A 249 41.34 -8.43 -9.47
CA ARG A 249 41.15 -9.08 -10.76
C ARG A 249 39.76 -8.87 -11.32
N LEU A 250 39.51 -9.46 -12.49
CA LEU A 250 38.22 -9.33 -13.16
C LEU A 250 37.20 -10.33 -12.65
N SER A 251 35.93 -9.93 -12.71
CA SER A 251 34.84 -10.87 -12.59
C SER A 251 34.95 -11.89 -13.74
N HIS A 252 34.52 -13.11 -13.48
CA HIS A 252 34.43 -14.12 -14.55
C HIS A 252 33.00 -14.20 -15.05
N VAL A 253 32.15 -13.31 -14.55
CA VAL A 253 30.79 -13.17 -15.04
C VAL A 253 30.82 -12.26 -16.26
N ILE A 254 30.47 -12.81 -17.41
CA ILE A 254 30.45 -12.05 -18.66
C ILE A 254 29.08 -11.42 -18.87
N ASP A 255 29.06 -10.14 -19.22
CA ASP A 255 27.83 -9.46 -19.60
C ASP A 255 27.50 -9.85 -21.03
N PRO A 256 26.36 -10.54 -21.25
CA PRO A 256 26.07 -11.03 -22.61
C PRO A 256 25.92 -9.95 -23.66
N GLN A 257 25.74 -8.69 -23.26
CA GLN A 257 25.52 -7.59 -24.20
C GLN A 257 26.84 -6.92 -24.61
N THR A 258 27.78 -6.83 -23.67
CA THR A 258 29.09 -6.23 -23.95
C THR A 258 30.12 -7.28 -24.38
N GLY A 259 29.92 -8.51 -23.94
CA GLY A 259 30.89 -9.57 -24.15
C GLY A 259 32.12 -9.40 -23.29
N ARG A 260 32.02 -8.53 -22.29
CA ARG A 260 33.11 -8.26 -21.36
C ARG A 260 32.68 -8.59 -19.94
N PRO A 261 33.62 -8.70 -19.00
CA PRO A 261 33.26 -8.91 -17.60
C PRO A 261 32.40 -7.78 -17.04
N ILE A 262 31.52 -8.10 -16.09
CA ILE A 262 30.74 -7.08 -15.40
C ILE A 262 31.70 -6.19 -14.62
N GLU A 263 31.37 -4.91 -14.49
CA GLU A 263 32.26 -3.94 -13.84
C GLU A 263 31.68 -3.38 -12.54
N HIS A 264 30.43 -3.74 -12.25
CA HIS A 264 29.74 -3.18 -11.09
C HIS A 264 30.08 -3.99 -9.83
N ASN A 265 29.55 -3.55 -8.69
CA ASN A 265 29.98 -4.04 -7.38
C ASN A 265 29.03 -5.04 -6.72
N LEU A 266 28.01 -5.48 -7.46
CA LEU A 266 27.09 -6.48 -6.96
C LEU A 266 27.79 -7.84 -6.95
N VAL A 267 27.91 -8.47 -5.78
CA VAL A 267 28.66 -9.71 -5.65
C VAL A 267 27.78 -10.92 -5.28
N SER A 268 26.53 -10.68 -4.92
CA SER A 268 25.59 -11.77 -4.63
C SER A 268 24.14 -11.33 -4.75
N VAL A 269 23.33 -12.16 -5.39
CA VAL A 269 21.88 -11.95 -5.46
C VAL A 269 21.16 -13.22 -5.03
N THR A 270 20.20 -13.06 -4.12
CA THR A 270 19.35 -14.17 -3.71
C THR A 270 17.92 -13.83 -4.08
N VAL A 271 17.22 -14.77 -4.71
CA VAL A 271 15.84 -14.58 -5.14
C VAL A 271 14.95 -15.65 -4.52
N ILE A 272 13.83 -15.20 -3.95
CA ILE A 272 12.77 -16.09 -3.51
C ILE A 272 11.62 -15.99 -4.52
N ALA A 273 11.14 -17.15 -4.97
CA ALA A 273 10.09 -17.20 -5.97
C ALA A 273 9.19 -18.40 -5.69
N PRO A 274 8.04 -18.49 -6.37
CA PRO A 274 7.17 -19.65 -6.16
C PRO A 274 7.87 -20.97 -6.53
N THR A 275 8.76 -20.93 -7.53
CA THR A 275 9.54 -22.10 -7.90
C THR A 275 11.03 -21.78 -7.87
N ALA A 276 11.85 -22.79 -7.63
CA ALA A 276 13.30 -22.61 -7.63
C ALA A 276 13.83 -22.30 -9.02
N LEU A 277 13.15 -22.82 -10.05
CA LEU A 277 13.55 -22.55 -11.42
C LEU A 277 13.48 -21.06 -11.73
N GLU A 278 12.36 -20.41 -11.40
CA GLU A 278 12.23 -18.98 -11.59
C GLU A 278 13.31 -18.23 -10.82
N ALA A 279 13.52 -18.64 -9.57
CA ALA A 279 14.50 -18.01 -8.70
C ALA A 279 15.88 -18.08 -9.33
N ASP A 280 16.22 -19.26 -9.82
CA ASP A 280 17.53 -19.49 -10.41
C ASP A 280 17.70 -18.67 -11.69
N ALA A 281 16.63 -18.53 -12.47
CA ALA A 281 16.69 -17.73 -13.68
C ALA A 281 16.90 -16.25 -13.34
N TRP A 282 16.14 -15.73 -12.39
CA TRP A 282 16.26 -14.32 -12.05
C TRP A 282 17.62 -13.96 -11.43
N ASP A 283 18.16 -14.82 -10.57
CA ASP A 283 19.33 -14.41 -9.78
C ASP A 283 20.53 -14.17 -10.67
N THR A 284 20.63 -14.95 -11.75
CA THR A 284 21.71 -14.77 -12.72
C THR A 284 21.56 -13.45 -13.49
N GLY A 285 20.36 -13.20 -13.98
CA GLY A 285 20.08 -11.99 -14.72
C GLY A 285 20.32 -10.73 -13.89
N LEU A 286 19.86 -10.75 -12.65
CA LEU A 286 19.99 -9.59 -11.78
C LEU A 286 21.45 -9.37 -11.43
N MET A 287 22.17 -10.47 -11.23
CA MET A 287 23.59 -10.42 -10.94
C MET A 287 24.36 -9.70 -12.06
N VAL A 288 24.08 -10.05 -13.30
CA VAL A 288 24.71 -9.41 -14.44
C VAL A 288 24.34 -7.93 -14.55
N LEU A 289 23.05 -7.62 -14.35
CA LEU A 289 22.58 -6.24 -14.50
C LEU A 289 23.25 -5.25 -13.55
N GLY A 290 23.53 -5.69 -12.33
CA GLY A 290 24.13 -4.82 -11.33
C GLY A 290 23.05 -4.09 -10.55
N PRO A 291 23.45 -3.40 -9.46
CA PRO A 291 22.51 -2.85 -8.49
C PRO A 291 21.40 -1.97 -9.07
N GLU A 292 21.75 -0.94 -9.84
CA GLU A 292 20.76 0.04 -10.28
C GLU A 292 19.74 -0.60 -11.22
N LYS A 293 20.23 -1.28 -12.23
CA LYS A 293 19.37 -1.87 -13.25
C LYS A 293 18.57 -3.05 -12.68
N ALA A 294 19.17 -3.77 -11.73
CA ALA A 294 18.47 -4.88 -11.09
C ALA A 294 17.30 -4.38 -10.26
N LYS A 295 17.51 -3.29 -9.53
CA LYS A 295 16.45 -2.75 -8.67
C LYS A 295 15.25 -2.31 -9.51
N GLU A 296 15.51 -1.77 -10.70
CA GLU A 296 14.45 -1.40 -11.63
C GLU A 296 13.60 -2.61 -12.00
N VAL A 297 14.25 -3.71 -12.34
CA VAL A 297 13.57 -4.93 -12.73
C VAL A 297 12.80 -5.51 -11.54
N VAL A 298 13.46 -5.52 -10.38
CA VAL A 298 12.88 -6.06 -9.16
C VAL A 298 11.60 -5.30 -8.80
N ARG A 299 11.62 -3.99 -9.00
CA ARG A 299 10.45 -3.16 -8.72
C ARG A 299 9.31 -3.45 -9.70
N ARG A 300 9.63 -3.47 -10.98
CA ARG A 300 8.63 -3.65 -12.03
C ARG A 300 7.98 -5.03 -11.98
N GLU A 301 8.76 -6.04 -11.63
CA GLU A 301 8.29 -7.42 -11.62
C GLU A 301 7.85 -7.89 -10.24
N GLY A 302 8.06 -7.04 -9.23
CA GLY A 302 7.61 -7.34 -7.87
C GLY A 302 8.33 -8.54 -7.29
N LEU A 303 9.64 -8.61 -7.51
CA LEU A 303 10.42 -9.75 -7.08
C LEU A 303 10.90 -9.64 -5.64
N ALA A 304 11.07 -10.79 -5.00
CA ALA A 304 11.61 -10.90 -3.67
C ALA A 304 13.11 -11.16 -3.74
N VAL A 305 13.91 -10.12 -3.53
CA VAL A 305 15.34 -10.18 -3.81
C VAL A 305 16.21 -9.58 -2.70
N TYR A 306 17.36 -10.20 -2.48
CA TYR A 306 18.34 -9.77 -1.49
C TYR A 306 19.70 -9.61 -2.20
N MET A 307 20.23 -8.39 -2.16
CA MET A 307 21.47 -8.06 -2.87
C MET A 307 22.61 -7.74 -1.91
N ILE A 308 23.80 -8.27 -2.23
CA ILE A 308 25.03 -7.92 -1.53
C ILE A 308 25.96 -7.21 -2.50
N THR A 309 26.40 -6.01 -2.11
CA THR A 309 27.39 -5.28 -2.90
C THR A 309 28.68 -5.11 -2.09
N LYS A 310 29.80 -5.03 -2.80
CA LYS A 310 31.09 -4.80 -2.18
C LYS A 310 31.71 -3.55 -2.80
N GLU A 311 31.74 -2.46 -2.02
CA GLU A 311 32.19 -1.17 -2.53
C GLU A 311 33.70 -1.13 -2.63
N GLY A 312 34.35 -1.25 -1.47
CA GLY A 312 35.80 -1.37 -1.40
C GLY A 312 36.15 -2.47 -0.43
N ASP A 313 36.21 -2.12 0.85
CA ASP A 313 36.42 -3.09 1.92
C ASP A 313 35.14 -3.26 2.73
N SER A 314 34.05 -2.63 2.28
CA SER A 314 32.78 -2.62 3.00
C SER A 314 31.66 -3.27 2.18
N PHE A 315 30.99 -4.25 2.78
CA PHE A 315 29.82 -4.87 2.17
C PHE A 315 28.56 -4.10 2.53
N LYS A 316 27.66 -3.96 1.57
CA LYS A 316 26.36 -3.33 1.76
C LYS A 316 25.27 -4.28 1.30
N THR A 317 24.12 -4.24 1.96
CA THR A 317 23.01 -5.12 1.60
C THR A 317 21.73 -4.34 1.32
N TRP A 318 20.88 -4.95 0.49
CA TRP A 318 19.59 -4.36 0.12
C TRP A 318 18.56 -5.48 -0.07
N MET A 319 17.36 -5.27 0.45
CA MET A 319 16.27 -6.22 0.29
C MET A 319 15.04 -5.52 -0.28
N SER A 320 14.36 -6.17 -1.22
CA SER A 320 13.09 -5.66 -1.72
C SER A 320 12.04 -5.88 -0.64
N PRO A 321 10.93 -5.12 -0.69
CA PRO A 321 9.88 -5.33 0.31
C PRO A 321 9.34 -6.77 0.29
N GLN A 322 9.26 -7.36 -0.90
CA GLN A 322 8.75 -8.71 -1.04
C GLN A 322 9.67 -9.73 -0.36
N PHE A 323 10.98 -9.48 -0.37
CA PHE A 323 11.91 -10.35 0.32
C PHE A 323 11.68 -10.26 1.82
N LYS A 324 11.46 -9.04 2.30
CA LYS A 324 11.28 -8.79 3.74
C LYS A 324 10.10 -9.58 4.32
N SER A 325 9.10 -9.85 3.50
CA SER A 325 7.94 -10.63 3.94
C SER A 325 8.33 -12.03 4.40
N PHE A 326 9.49 -12.51 3.94
CA PHE A 326 9.95 -13.87 4.25
C PHE A 326 10.88 -13.93 5.47
N LEU A 327 11.34 -12.78 5.94
CA LEU A 327 12.23 -12.74 7.11
C LEU A 327 11.51 -13.23 8.37
N VAL A 328 12.26 -13.91 9.24
CA VAL A 328 11.70 -14.38 10.51
C VAL A 328 11.85 -13.29 11.57
N THR B 13 -1.52 -6.58 15.80
CA THR B 13 -1.29 -5.65 16.89
C THR B 13 0.20 -5.30 17.02
N GLU B 14 1.01 -5.81 16.10
CA GLU B 14 2.41 -5.42 16.03
C GLU B 14 2.51 -3.96 15.64
N VAL B 15 3.67 -3.35 15.86
CA VAL B 15 3.91 -1.98 15.44
C VAL B 15 5.08 -1.93 14.48
N THR B 16 4.88 -1.20 13.38
CA THR B 16 5.92 -0.96 12.41
C THR B 16 6.54 0.40 12.67
N VAL B 17 7.86 0.45 12.74
CA VAL B 17 8.58 1.70 12.90
C VAL B 17 9.34 2.03 11.62
N LEU B 18 9.02 3.16 11.02
CA LEU B 18 9.71 3.67 9.86
C LEU B 18 10.57 4.83 10.28
N GLU B 19 11.75 4.98 9.68
CA GLU B 19 12.60 6.11 10.00
C GLU B 19 13.53 6.49 8.84
N GLY B 20 14.01 7.72 8.90
CA GLY B 20 14.91 8.24 7.90
C GLY B 20 15.48 9.58 8.33
N LYS B 21 16.06 10.30 7.37
CA LYS B 21 16.70 11.58 7.64
C LYS B 21 15.97 12.72 6.96
N THR B 22 15.87 13.85 7.65
CA THR B 22 15.31 15.06 7.05
C THR B 22 15.71 16.28 7.86
N MET B 23 15.91 17.40 7.17
CA MET B 23 16.09 18.70 7.81
C MET B 23 17.24 18.72 8.82
N GLY B 24 18.32 18.01 8.50
CA GLY B 24 19.48 17.98 9.37
C GLY B 24 19.26 17.16 10.62
N THR B 25 18.16 16.39 10.64
CA THR B 25 17.84 15.55 11.79
C THR B 25 17.18 14.26 11.29
N PHE B 26 16.46 13.58 12.17
CA PHE B 26 15.82 12.32 11.82
C PHE B 26 14.30 12.44 11.88
N TRP B 27 13.61 11.51 11.24
CA TRP B 27 12.16 11.38 11.40
C TRP B 27 11.82 9.94 11.74
N ARG B 28 10.68 9.77 12.38
CA ARG B 28 10.20 8.44 12.71
C ARG B 28 8.68 8.40 12.63
N ALA B 29 8.17 7.22 12.34
CA ALA B 29 6.74 6.99 12.28
C ALA B 29 6.44 5.60 12.81
N SER B 30 5.71 5.54 13.91
CA SER B 30 5.29 4.27 14.48
C SER B 30 3.82 4.06 14.16
N ILE B 31 3.54 2.92 13.53
CA ILE B 31 2.23 2.64 12.97
C ILE B 31 1.84 1.20 13.29
N PRO B 32 0.56 0.96 13.66
CA PRO B 32 0.16 -0.42 13.92
C PRO B 32 0.36 -1.32 12.71
N GLY B 33 0.64 -2.60 12.95
CA GLY B 33 1.00 -3.57 11.93
C GLY B 33 0.58 -3.29 10.49
N ILE B 34 1.58 -3.03 9.65
CA ILE B 34 1.40 -3.00 8.20
C ILE B 34 2.41 -3.95 7.58
N ASP B 35 2.14 -4.42 6.37
CA ASP B 35 3.00 -5.40 5.72
C ASP B 35 4.22 -4.71 5.14
N ALA B 36 5.18 -5.49 4.67
CA ALA B 36 6.45 -4.94 4.19
C ALA B 36 6.27 -4.05 2.96
N LYS B 37 5.40 -4.43 2.04
CA LYS B 37 5.23 -3.63 0.83
C LYS B 37 4.55 -2.30 1.17
N ARG B 38 3.50 -2.39 1.99
CA ARG B 38 2.80 -1.20 2.46
C ARG B 38 3.75 -0.28 3.23
N SER B 39 4.63 -0.86 4.03
CA SER B 39 5.63 -0.09 4.78
C SER B 39 6.58 0.66 3.86
N ALA B 40 7.05 -0.03 2.82
CA ALA B 40 7.99 0.55 1.88
C ALA B 40 7.34 1.70 1.11
N GLU B 41 6.10 1.48 0.68
CA GLU B 41 5.34 2.49 -0.04
C GLU B 41 5.11 3.73 0.82
N LEU B 42 4.75 3.52 2.08
CA LEU B 42 4.51 4.61 3.01
C LEU B 42 5.80 5.39 3.29
N LYS B 43 6.89 4.67 3.46
CA LYS B 43 8.19 5.28 3.73
C LYS B 43 8.61 6.19 2.57
N GLU B 44 8.37 5.75 1.35
CA GLU B 44 8.70 6.54 0.16
C GLU B 44 7.87 7.83 0.12
N LYS B 45 6.58 7.71 0.44
CA LYS B 45 5.69 8.87 0.47
C LYS B 45 6.10 9.85 1.55
N ILE B 46 6.46 9.33 2.72
CA ILE B 46 6.90 10.16 3.83
C ILE B 46 8.15 10.94 3.45
N GLN B 47 9.14 10.23 2.92
CA GLN B 47 10.42 10.87 2.59
C GLN B 47 10.22 11.92 1.51
N THR B 48 9.40 11.59 0.52
CA THR B 48 9.11 12.51 -0.57
C THR B 48 8.46 13.79 -0.04
N GLN B 49 7.52 13.64 0.89
CA GLN B 49 6.83 14.80 1.45
C GLN B 49 7.80 15.65 2.29
N LEU B 50 8.61 14.99 3.12
CA LEU B 50 9.54 15.69 3.97
C LEU B 50 10.61 16.41 3.15
N ASP B 51 11.07 15.77 2.08
CA ASP B 51 12.00 16.41 1.16
C ASP B 51 11.38 17.69 0.59
N ALA B 52 10.10 17.60 0.25
CA ALA B 52 9.40 18.75 -0.30
C ALA B 52 9.24 19.86 0.75
N ASP B 53 9.02 19.48 2.00
CA ASP B 53 8.92 20.46 3.08
C ASP B 53 10.25 21.14 3.33
N ASP B 54 11.34 20.38 3.19
CA ASP B 54 12.67 20.95 3.36
C ASP B 54 12.98 21.89 2.20
N GLN B 55 12.50 21.56 1.01
CA GLN B 55 12.65 22.42 -0.17
C GLN B 55 11.83 23.69 -0.01
N LEU B 56 10.77 23.61 0.81
CA LEU B 56 9.94 24.78 1.08
C LEU B 56 10.65 25.74 2.02
N LEU B 57 11.25 25.20 3.08
CA LEU B 57 11.67 25.99 4.24
C LEU B 57 13.16 26.22 4.42
N SER B 58 14.00 25.37 3.84
CA SER B 58 15.42 25.35 4.19
C SER B 58 16.17 26.63 3.82
N THR B 59 16.96 27.12 4.77
CA THR B 59 17.87 28.23 4.52
C THR B 59 19.19 27.74 3.94
N TYR B 60 19.33 26.43 3.83
CA TYR B 60 20.55 25.82 3.29
C TYR B 60 20.44 25.55 1.80
N LYS B 61 19.21 25.62 1.28
CA LYS B 61 18.96 25.46 -0.15
C LYS B 61 18.68 26.84 -0.76
N LYS B 62 19.65 27.35 -1.52
CA LYS B 62 19.55 28.70 -2.08
C LYS B 62 18.27 28.87 -2.91
N ASP B 63 17.74 27.75 -3.40
CA ASP B 63 16.55 27.78 -4.26
C ASP B 63 15.27 27.42 -3.53
N SER B 64 15.30 27.32 -2.20
CA SER B 64 14.09 27.02 -1.44
C SER B 64 13.10 28.16 -1.60
N ALA B 65 11.82 27.88 -1.37
CA ALA B 65 10.80 28.92 -1.48
C ALA B 65 11.09 30.06 -0.52
N LEU B 66 11.51 29.71 0.70
CA LEU B 66 11.82 30.72 1.71
C LEU B 66 13.00 31.58 1.27
N MET B 67 14.03 30.96 0.70
CA MET B 67 15.22 31.70 0.32
C MET B 67 14.96 32.58 -0.91
N ARG B 68 14.06 32.16 -1.77
CA ARG B 68 13.66 33.00 -2.90
C ARG B 68 12.94 34.25 -2.41
N PHE B 69 12.14 34.10 -1.36
CA PHE B 69 11.49 35.24 -0.73
C PHE B 69 12.52 36.14 -0.07
N ASN B 70 13.47 35.55 0.65
CA ASN B 70 14.53 36.30 1.31
C ASN B 70 15.37 37.07 0.30
N ASP B 71 15.59 36.48 -0.87
CA ASP B 71 16.42 37.10 -1.89
C ASP B 71 15.66 38.16 -2.69
N SER B 72 14.34 38.17 -2.56
CA SER B 72 13.53 39.18 -3.24
C SER B 72 13.58 40.49 -2.47
N GLN B 73 13.72 41.59 -3.22
CA GLN B 73 13.74 42.92 -2.63
C GLN B 73 12.35 43.55 -2.66
N SER B 74 11.36 42.78 -3.10
CA SER B 74 10.01 43.29 -3.29
C SER B 74 9.29 43.51 -1.98
N LEU B 75 8.55 44.63 -1.91
CA LEU B 75 7.72 44.95 -0.76
C LEU B 75 6.24 44.68 -1.05
N SER B 76 5.96 44.09 -2.21
CA SER B 76 4.60 43.73 -2.57
C SER B 76 4.36 42.27 -2.20
N PRO B 77 3.08 41.85 -2.17
CA PRO B 77 2.79 40.47 -1.80
C PRO B 77 3.53 39.43 -2.65
N TRP B 78 4.12 38.46 -1.98
CA TRP B 78 4.91 37.41 -2.61
C TRP B 78 4.18 36.08 -2.45
N PRO B 79 3.78 35.44 -3.56
CA PRO B 79 2.96 34.24 -3.41
C PRO B 79 3.69 33.06 -2.79
N VAL B 80 3.02 32.38 -1.87
CA VAL B 80 3.59 31.24 -1.15
C VAL B 80 2.54 30.15 -1.00
N SER B 81 2.95 29.01 -0.47
CA SER B 81 2.05 27.88 -0.27
C SER B 81 1.20 28.08 0.98
N GLU B 82 0.15 27.28 1.11
CA GLU B 82 -0.72 27.33 2.28
C GLU B 82 0.09 27.06 3.55
N ALA B 83 1.00 26.09 3.47
CA ALA B 83 1.86 25.75 4.60
C ALA B 83 2.71 26.95 5.03
N MET B 84 3.36 27.59 4.07
CA MET B 84 4.21 28.73 4.35
C MET B 84 3.42 29.83 5.06
N ALA B 85 2.24 30.14 4.53
CA ALA B 85 1.40 31.17 5.11
C ALA B 85 1.04 30.82 6.56
N ASP B 86 0.68 29.57 6.81
CA ASP B 86 0.23 29.14 8.12
C ASP B 86 1.38 29.08 9.12
N ILE B 87 2.55 28.63 8.68
CA ILE B 87 3.72 28.59 9.53
C ILE B 87 4.08 30.01 9.99
N VAL B 88 4.08 30.95 9.05
CA VAL B 88 4.45 32.32 9.38
C VAL B 88 3.38 32.95 10.28
N THR B 89 2.12 32.70 9.98
CA THR B 89 1.01 33.22 10.80
C THR B 89 1.18 32.80 12.26
N THR B 90 1.40 31.51 12.48
CA THR B 90 1.53 30.99 13.84
C THR B 90 2.76 31.55 14.54
N SER B 91 3.85 31.69 13.78
CA SER B 91 5.10 32.21 14.32
C SER B 91 4.96 33.67 14.74
N LEU B 92 4.27 34.45 13.91
CA LEU B 92 4.07 35.87 14.20
C LEU B 92 3.24 36.06 15.46
N ARG B 93 2.19 35.25 15.61
CA ARG B 93 1.30 35.38 16.75
C ARG B 93 1.98 34.97 18.05
N ILE B 94 2.68 33.84 18.02
CA ILE B 94 3.34 33.35 19.23
C ILE B 94 4.55 34.23 19.54
N GLY B 95 5.10 34.84 18.50
CA GLY B 95 6.12 35.86 18.68
C GLY B 95 5.62 37.01 19.53
N ALA B 96 4.46 37.53 19.17
CA ALA B 96 3.84 38.63 19.91
C ALA B 96 3.52 38.22 21.35
N LYS B 97 2.98 37.02 21.50
CA LYS B 97 2.54 36.55 22.82
C LYS B 97 3.72 36.21 23.75
N THR B 98 4.92 36.12 23.19
CA THR B 98 6.13 35.90 24.00
C THR B 98 7.04 37.12 24.01
N ASP B 99 6.46 38.31 23.87
CA ASP B 99 7.20 39.56 23.97
C ASP B 99 8.30 39.67 22.91
N GLY B 100 8.13 38.95 21.80
CA GLY B 100 9.10 38.99 20.72
C GLY B 100 10.25 38.02 20.89
N ALA B 101 10.16 37.15 21.90
CA ALA B 101 11.24 36.21 22.21
C ALA B 101 11.35 35.13 21.13
N MET B 102 10.20 34.74 20.60
CA MET B 102 10.15 33.87 19.43
C MET B 102 10.06 34.75 18.19
N ASP B 103 11.15 34.83 17.44
CA ASP B 103 11.26 35.80 16.35
C ASP B 103 11.91 35.17 15.13
N ILE B 104 11.11 34.93 14.10
CA ILE B 104 11.61 34.30 12.87
C ILE B 104 12.38 35.27 11.97
N THR B 105 12.55 36.51 12.40
CA THR B 105 13.30 37.50 11.62
C THR B 105 14.67 37.78 12.24
N VAL B 106 15.00 37.07 13.30
CA VAL B 106 16.20 37.32 14.09
C VAL B 106 17.50 36.87 13.40
N GLY B 107 17.39 36.23 12.25
CA GLY B 107 18.53 35.68 11.54
C GLY B 107 19.79 36.55 11.46
N PRO B 108 19.64 37.81 11.01
CA PRO B 108 20.80 38.69 10.88
C PRO B 108 21.53 38.94 12.20
N LEU B 109 20.82 38.89 13.33
CA LEU B 109 21.45 39.00 14.63
C LEU B 109 22.18 37.72 15.00
N VAL B 110 21.50 36.58 14.81
CA VAL B 110 22.07 35.30 15.17
C VAL B 110 23.39 35.05 14.45
N ASN B 111 23.43 35.42 13.17
CA ASN B 111 24.60 35.17 12.34
C ASN B 111 25.82 36.02 12.73
N LEU B 112 25.63 36.96 13.64
CA LEU B 112 26.75 37.75 14.17
C LEU B 112 27.60 36.91 15.12
N TRP B 113 27.04 35.82 15.61
CA TRP B 113 27.65 35.04 16.69
C TRP B 113 28.20 33.69 16.22
N GLY B 114 29.32 33.29 16.81
CA GLY B 114 29.87 31.97 16.62
C GLY B 114 30.16 31.34 17.98
N PHE B 115 29.87 30.06 18.12
CA PHE B 115 29.99 29.38 19.41
C PHE B 115 30.85 28.13 19.35
N GLY B 116 31.54 27.85 20.45
CA GLY B 116 32.39 26.70 20.57
C GLY B 116 31.64 25.48 21.06
N PRO B 117 32.38 24.42 21.48
CA PRO B 117 31.81 23.13 21.86
C PRO B 117 30.82 23.22 23.03
N GLU B 118 31.14 24.05 24.02
CA GLU B 118 30.30 24.19 25.21
C GLU B 118 29.52 25.50 25.16
N GLN B 119 29.18 25.91 23.94
CA GLN B 119 28.39 27.12 23.70
C GLN B 119 29.07 28.39 24.21
N GLN B 120 30.40 28.37 24.27
CA GLN B 120 31.16 29.57 24.60
C GLN B 120 31.28 30.46 23.35
N PRO B 121 31.16 31.79 23.51
CA PRO B 121 31.29 32.64 22.31
C PRO B 121 32.70 32.62 21.71
N VAL B 122 32.78 32.29 20.43
CA VAL B 122 34.05 32.29 19.70
C VAL B 122 34.15 33.55 18.85
N GLN B 123 33.00 33.99 18.34
CA GLN B 123 32.88 35.25 17.61
C GLN B 123 31.87 36.14 18.32
N ILE B 124 32.35 37.23 18.91
CA ILE B 124 31.47 38.14 19.65
C ILE B 124 31.35 39.48 18.91
N PRO B 125 30.13 39.84 18.50
CA PRO B 125 29.96 41.08 17.74
C PRO B 125 30.10 42.33 18.60
N SER B 126 30.62 43.40 17.99
CA SER B 126 30.59 44.71 18.63
C SER B 126 29.13 45.12 18.84
N GLN B 127 28.90 45.98 19.82
CA GLN B 127 27.56 46.51 20.05
C GLN B 127 27.08 47.26 18.81
N GLU B 128 28.03 47.75 18.01
CA GLU B 128 27.72 48.44 16.77
C GLU B 128 27.07 47.47 15.77
N GLN B 129 27.71 46.33 15.57
CA GLN B 129 27.20 45.29 14.69
C GLN B 129 25.80 44.85 15.13
N ILE B 130 25.63 44.65 16.44
CA ILE B 130 24.34 44.26 17.00
C ILE B 130 23.25 45.27 16.65
N ASP B 131 23.51 46.55 16.90
CA ASP B 131 22.52 47.59 16.69
C ASP B 131 22.13 47.68 15.22
N ALA B 132 23.12 47.50 14.34
CA ALA B 132 22.89 47.59 12.91
C ALA B 132 21.96 46.48 12.42
N MET B 133 22.22 45.24 12.85
CA MET B 133 21.41 44.11 12.43
C MET B 133 20.02 44.16 13.05
N LYS B 134 19.93 44.71 14.26
CA LYS B 134 18.65 44.82 14.95
C LYS B 134 17.67 45.63 14.10
N ALA B 135 18.20 46.64 13.42
CA ALA B 135 17.39 47.51 12.56
C ALA B 135 16.84 46.76 11.34
N LYS B 136 17.37 45.57 11.07
CA LYS B 136 16.92 44.77 9.93
C LYS B 136 16.06 43.59 10.36
N THR B 137 15.60 43.62 11.61
CA THR B 137 14.71 42.59 12.15
C THR B 137 13.47 43.21 12.77
N GLY B 138 12.44 42.38 12.98
CA GLY B 138 11.23 42.80 13.66
C GLY B 138 10.00 42.12 13.10
N LEU B 139 9.19 41.55 13.99
CA LEU B 139 7.97 40.84 13.58
C LEU B 139 6.95 41.78 12.95
N GLN B 140 7.06 43.06 13.24
CA GLN B 140 6.10 44.03 12.72
C GLN B 140 6.26 44.21 11.21
N HIS B 141 7.36 43.72 10.66
CA HIS B 141 7.67 43.94 9.25
C HIS B 141 7.05 42.91 8.31
N LEU B 142 6.34 41.93 8.86
CA LEU B 142 5.84 40.81 8.05
C LEU B 142 4.34 40.64 8.14
N THR B 143 3.71 40.42 6.98
CA THR B 143 2.26 40.23 6.88
C THR B 143 1.95 38.97 6.08
N VAL B 144 0.92 38.24 6.50
CA VAL B 144 0.41 37.10 5.75
C VAL B 144 -0.97 37.44 5.20
N ILE B 145 -1.16 37.17 3.91
CA ILE B 145 -2.42 37.44 3.24
C ILE B 145 -2.99 36.13 2.69
N ASN B 146 -4.16 35.74 3.20
CA ASN B 146 -4.83 34.50 2.78
C ASN B 146 -6.05 34.79 1.92
N GLN B 147 -6.14 34.10 0.79
CA GLN B 147 -7.33 34.13 -0.06
C GLN B 147 -7.74 32.71 -0.41
N SER B 148 -8.85 32.54 -1.12
CA SER B 148 -9.38 31.21 -1.38
C SER B 148 -8.42 30.34 -2.19
N HIS B 149 -7.83 30.91 -3.24
CA HIS B 149 -7.02 30.15 -4.17
C HIS B 149 -5.53 30.45 -4.12
N GLN B 150 -5.14 31.48 -3.39
CA GLN B 150 -3.73 31.81 -3.23
C GLN B 150 -3.48 32.50 -1.90
N GLN B 151 -2.22 32.56 -1.50
CA GLN B 151 -1.82 33.30 -0.31
C GLN B 151 -0.42 33.87 -0.47
N TYR B 152 -0.07 34.83 0.39
CA TYR B 152 1.13 35.63 0.19
C TYR B 152 1.83 35.96 1.50
N LEU B 153 3.14 36.17 1.40
CA LEU B 153 3.88 36.91 2.41
C LEU B 153 4.16 38.31 1.88
N GLN B 154 4.24 39.28 2.78
CA GLN B 154 4.61 40.63 2.41
C GLN B 154 5.48 41.25 3.49
N LYS B 155 6.68 41.68 3.09
CA LYS B 155 7.61 42.36 3.98
C LYS B 155 7.67 43.83 3.60
N ASP B 156 7.90 44.71 4.57
CA ASP B 156 7.99 46.15 4.31
C ASP B 156 9.43 46.64 4.40
N LEU B 157 10.35 45.68 4.51
CA LEU B 157 11.78 45.97 4.58
C LEU B 157 12.47 45.02 3.61
N PRO B 158 13.17 45.56 2.59
CA PRO B 158 13.70 44.67 1.53
C PRO B 158 14.62 43.57 2.03
N ASP B 159 15.43 43.87 3.05
CA ASP B 159 16.44 42.95 3.52
C ASP B 159 16.06 42.27 4.83
N LEU B 160 14.76 42.27 5.14
CA LEU B 160 14.25 41.37 6.17
C LEU B 160 14.64 39.96 5.77
N TYR B 161 15.04 39.15 6.75
CA TYR B 161 15.47 37.78 6.51
C TYR B 161 14.69 36.86 7.42
N VAL B 162 13.97 35.92 6.82
CA VAL B 162 13.11 35.00 7.56
C VAL B 162 13.79 33.63 7.66
N ASP B 163 13.77 33.06 8.87
CA ASP B 163 14.36 31.76 9.15
C ASP B 163 13.36 30.97 9.97
N LEU B 164 12.91 29.84 9.43
CA LEU B 164 11.87 29.03 10.07
C LEU B 164 12.41 27.75 10.70
N SER B 165 13.70 27.72 10.99
CA SER B 165 14.33 26.54 11.56
C SER B 165 13.79 26.21 12.95
N THR B 166 13.35 27.22 13.69
CA THR B 166 12.88 27.01 15.06
C THR B 166 11.46 26.45 15.11
N VAL B 167 10.78 26.38 13.97
CA VAL B 167 9.40 25.91 13.93
C VAL B 167 9.14 24.87 12.82
N GLY B 168 10.13 24.64 11.97
CA GLY B 168 9.96 23.76 10.83
C GLY B 168 9.71 22.31 11.19
N LYS B 169 10.35 21.83 12.24
CA LYS B 169 10.23 20.42 12.64
C LYS B 169 8.82 20.14 13.16
N GLY B 170 8.27 21.10 13.90
CA GLY B 170 6.91 20.99 14.39
C GLY B 170 5.92 20.92 13.23
N TYR B 171 6.07 21.83 12.27
CA TYR B 171 5.22 21.78 11.09
C TYR B 171 5.35 20.44 10.37
N ALA B 172 6.59 20.00 10.16
CA ALA B 172 6.85 18.78 9.41
C ALA B 172 6.21 17.57 10.06
N ALA B 173 6.20 17.55 11.39
CA ALA B 173 5.54 16.48 12.13
C ALA B 173 4.02 16.54 11.96
N ASP B 174 3.45 17.75 12.02
CA ASP B 174 2.01 17.92 11.80
C ASP B 174 1.63 17.44 10.42
N HIS B 175 2.47 17.77 9.45
CA HIS B 175 2.21 17.46 8.05
C HIS B 175 2.34 15.95 7.82
N LEU B 176 3.31 15.34 8.50
CA LEU B 176 3.49 13.89 8.47
C LEU B 176 2.23 13.20 9.00
N ALA B 177 1.67 13.72 10.09
CA ALA B 177 0.44 13.19 10.64
C ALA B 177 -0.71 13.27 9.63
N ARG B 178 -0.79 14.39 8.90
CA ARG B 178 -1.85 14.54 7.91
C ARG B 178 -1.68 13.53 6.78
N LEU B 179 -0.43 13.26 6.41
CA LEU B 179 -0.17 12.27 5.37
C LEU B 179 -0.68 10.90 5.79
N MET B 180 -0.43 10.54 7.05
CA MET B 180 -0.92 9.27 7.59
C MET B 180 -2.44 9.19 7.47
N GLU B 181 -3.11 10.25 7.89
CA GLU B 181 -4.57 10.32 7.77
C GLU B 181 -5.03 10.13 6.34
N GLN B 182 -4.36 10.80 5.41
CA GLN B 182 -4.69 10.70 3.99
C GLN B 182 -4.48 9.28 3.48
N GLU B 183 -3.59 8.53 4.15
CA GLU B 183 -3.31 7.15 3.78
C GLU B 183 -4.15 6.15 4.58
N GLY B 184 -5.09 6.66 5.37
CA GLY B 184 -6.01 5.78 6.08
C GLY B 184 -5.40 5.20 7.34
N ILE B 185 -4.33 5.84 7.81
CA ILE B 185 -3.67 5.47 9.05
C ILE B 185 -4.03 6.51 10.11
N SER B 186 -4.95 6.14 10.99
CA SER B 186 -5.51 7.08 11.96
C SER B 186 -5.02 6.78 13.37
N ARG B 187 -4.05 5.88 13.47
CA ARG B 187 -3.36 5.60 14.74
C ARG B 187 -1.86 5.66 14.49
N TYR B 188 -1.18 6.58 15.17
CA TYR B 188 0.24 6.79 14.93
C TYR B 188 0.93 7.64 15.97
N LEU B 189 2.25 7.50 16.04
CA LEU B 189 3.15 8.45 16.68
C LEU B 189 4.20 8.80 15.66
N VAL B 190 4.26 10.06 15.25
CA VAL B 190 5.27 10.50 14.28
C VAL B 190 6.14 11.58 14.90
N SER B 191 7.38 11.65 14.46
CA SER B 191 8.34 12.60 15.01
C SER B 191 9.27 13.12 13.95
N VAL B 192 9.57 14.42 14.02
CA VAL B 192 10.64 15.01 13.24
C VAL B 192 11.56 15.75 14.20
N GLY B 193 12.76 15.23 14.41
CA GLY B 193 13.61 15.71 15.48
C GLY B 193 12.88 15.52 16.80
N GLY B 194 12.89 16.54 17.65
CA GLY B 194 12.24 16.46 18.95
C GLY B 194 10.73 16.70 18.92
N ALA B 195 10.17 16.98 17.75
CA ALA B 195 8.76 17.35 17.66
C ALA B 195 7.88 16.16 17.26
N LEU B 196 6.87 15.88 18.07
CA LEU B 196 6.00 14.72 17.84
C LEU B 196 4.55 15.10 17.67
N ASN B 197 3.83 14.25 16.94
CA ASN B 197 2.39 14.39 16.75
C ASN B 197 1.79 12.99 16.80
N SER B 198 0.68 12.85 17.49
CA SER B 198 0.06 11.54 17.67
C SER B 198 -1.45 11.61 17.76
N ARG B 199 -2.10 10.64 17.14
CA ARG B 199 -3.53 10.42 17.32
C ARG B 199 -3.79 8.93 17.40
N GLY B 200 -4.86 8.56 18.09
CA GLY B 200 -5.26 7.17 18.19
C GLY B 200 -4.36 6.38 19.12
N MET B 201 -4.81 5.18 19.48
CA MET B 201 -4.10 4.35 20.43
C MET B 201 -3.13 3.41 19.73
N ASN B 202 -2.21 2.82 20.49
CA ASN B 202 -1.17 2.00 19.89
C ASN B 202 -1.65 0.58 19.61
N GLY B 203 -0.71 -0.32 19.33
CA GLY B 203 -1.05 -1.69 18.97
C GLY B 203 -1.90 -2.40 20.00
N GLU B 204 -1.80 -1.97 21.25
CA GLU B 204 -2.48 -2.64 22.36
C GLU B 204 -3.60 -1.80 22.96
N GLY B 205 -4.02 -0.78 22.23
CA GLY B 205 -5.15 0.04 22.65
C GLY B 205 -4.80 1.05 23.72
N LEU B 206 -3.51 1.26 23.93
CA LEU B 206 -3.02 2.16 24.96
C LEU B 206 -2.33 3.36 24.33
N PRO B 207 -2.11 4.44 25.12
CA PRO B 207 -1.43 5.61 24.58
C PRO B 207 -0.03 5.30 24.07
N TRP B 208 0.37 5.95 22.98
CA TRP B 208 1.74 5.83 22.50
C TRP B 208 2.67 6.39 23.55
N ARG B 209 3.78 5.70 23.80
CA ARG B 209 4.68 6.10 24.87
C ARG B 209 5.45 7.35 24.48
N VAL B 210 5.20 8.42 25.23
CA VAL B 210 5.94 9.66 25.09
C VAL B 210 6.53 10.04 26.45
N ALA B 211 7.83 9.85 26.58
CA ALA B 211 8.52 10.08 27.84
C ALA B 211 9.09 11.49 27.89
N ILE B 212 8.98 12.12 29.06
CA ILE B 212 9.57 13.44 29.27
C ILE B 212 10.80 13.31 30.15
N GLN B 213 11.73 14.25 30.02
CA GLN B 213 12.96 14.23 30.79
C GLN B 213 12.65 14.36 32.28
N LYS B 214 13.43 13.69 33.12
CA LYS B 214 13.34 13.89 34.57
C LYS B 214 14.74 13.93 35.20
N PRO B 215 14.91 14.70 36.29
CA PRO B 215 16.20 14.76 36.99
C PRO B 215 16.58 13.43 37.63
N ALA B 224 8.40 9.86 33.85
CA ALA B 224 7.08 10.42 33.61
C ALA B 224 6.70 10.31 32.14
N VAL B 225 5.42 10.06 31.88
CA VAL B 225 4.94 9.80 30.53
C VAL B 225 3.61 10.53 30.30
N VAL B 226 3.41 11.03 29.09
CA VAL B 226 2.18 11.74 28.73
C VAL B 226 1.48 11.10 27.55
N ASP B 227 0.17 11.30 27.48
CA ASP B 227 -0.64 10.90 26.33
C ASP B 227 -0.99 12.13 25.52
N ILE B 228 -0.34 12.29 24.36
CA ILE B 228 -0.52 13.48 23.53
C ILE B 228 -1.51 13.27 22.38
N ASN B 229 -2.34 12.23 22.50
CA ASN B 229 -3.40 11.97 21.53
C ASN B 229 -4.14 13.24 21.13
N GLY B 230 -4.10 13.56 19.85
CA GLY B 230 -4.78 14.75 19.33
C GLY B 230 -3.95 16.01 19.44
N HIS B 231 -2.69 15.86 19.84
CA HIS B 231 -1.82 17.00 20.09
C HIS B 231 -0.43 16.83 19.52
N GLY B 232 0.36 17.89 19.63
CA GLY B 232 1.78 17.84 19.33
C GLY B 232 2.56 18.21 20.58
N ILE B 233 3.84 17.86 20.57
CA ILE B 233 4.71 18.16 21.70
C ILE B 233 6.10 18.46 21.18
N SER B 234 6.80 19.37 21.86
CA SER B 234 8.15 19.74 21.46
C SER B 234 8.93 20.19 22.67
N THR B 235 10.24 19.96 22.63
CA THR B 235 11.12 20.39 23.71
C THR B 235 12.29 21.21 23.19
N SER B 236 12.61 22.26 23.94
CA SER B 236 13.80 23.06 23.70
C SER B 236 14.72 22.88 24.89
N GLY B 237 15.97 22.52 24.63
CA GLY B 237 16.97 22.36 25.68
C GLY B 237 17.03 20.96 26.28
N SER B 238 18.15 20.66 26.92
CA SER B 238 18.32 19.41 27.66
C SER B 238 19.51 19.50 28.62
N TYR B 239 19.68 18.48 29.46
CA TYR B 239 20.81 18.42 30.38
C TYR B 239 22.16 18.54 29.66
N ARG B 240 22.31 17.79 28.58
CA ARG B 240 23.61 17.72 27.89
C ARG B 240 23.92 18.99 27.11
N ASN B 241 22.89 19.81 26.88
CA ASN B 241 23.06 21.07 26.18
C ASN B 241 23.22 22.26 27.13
N TYR B 242 23.22 21.97 28.43
CA TYR B 242 23.29 23.02 29.44
C TYR B 242 24.71 23.20 29.94
N TYR B 243 25.25 24.41 29.77
CA TYR B 243 26.62 24.70 30.15
C TYR B 243 26.72 25.94 31.04
N GLU B 244 27.71 25.93 31.91
CA GLU B 244 27.97 27.05 32.81
C GLU B 244 29.46 27.21 33.04
N LEU B 245 29.90 28.46 33.21
CA LEU B 245 31.24 28.78 33.69
C LEU B 245 31.09 29.75 34.84
N ASP B 246 31.54 29.34 36.02
CA ASP B 246 31.21 30.03 37.25
C ASP B 246 29.69 29.97 37.39
N GLY B 247 29.05 31.11 37.60
CA GLY B 247 27.60 31.18 37.62
C GLY B 247 27.02 31.36 36.23
N LYS B 248 27.84 31.86 35.31
CA LYS B 248 27.36 32.29 34.00
C LYS B 248 26.89 31.15 33.10
N ARG B 249 25.60 31.20 32.74
CA ARG B 249 25.04 30.38 31.69
C ARG B 249 25.76 30.61 30.36
N LEU B 250 26.22 29.54 29.73
CA LEU B 250 26.75 29.60 28.37
C LEU B 250 25.73 29.01 27.40
N SER B 251 25.12 29.87 26.60
CA SER B 251 24.08 29.45 25.66
C SER B 251 24.35 30.02 24.26
N HIS B 252 23.97 29.26 23.25
CA HIS B 252 24.02 29.72 21.86
C HIS B 252 22.66 30.28 21.45
N VAL B 253 21.73 30.34 22.41
CA VAL B 253 20.40 30.89 22.17
C VAL B 253 20.43 32.39 22.34
N ILE B 254 20.07 33.09 21.27
CA ILE B 254 20.17 34.54 21.25
C ILE B 254 18.82 35.19 21.51
N ASP B 255 18.81 36.11 22.46
CA ASP B 255 17.61 36.85 22.83
C ASP B 255 17.37 37.93 21.78
N PRO B 256 16.25 37.84 21.03
CA PRO B 256 16.04 38.81 19.95
C PRO B 256 16.03 40.27 20.41
N GLN B 257 15.79 40.50 21.70
CA GLN B 257 15.70 41.85 22.22
C GLN B 257 17.06 42.44 22.60
N THR B 258 18.00 41.59 22.98
CA THR B 258 19.34 42.04 23.35
C THR B 258 20.35 41.81 22.22
N GLY B 259 20.05 40.84 21.36
CA GLY B 259 20.98 40.44 20.33
C GLY B 259 22.15 39.67 20.92
N ARG B 260 22.02 39.27 22.19
CA ARG B 260 23.07 38.57 22.91
C ARG B 260 22.53 37.26 23.48
N PRO B 261 23.45 36.31 23.78
CA PRO B 261 23.07 35.04 24.40
C PRO B 261 22.21 35.18 25.65
N ILE B 262 21.27 34.26 25.87
CA ILE B 262 20.50 34.26 27.10
C ILE B 262 21.43 33.95 28.27
N GLU B 263 21.00 34.29 29.48
CA GLU B 263 21.86 34.22 30.65
C GLU B 263 21.16 33.57 31.86
N HIS B 264 19.98 33.01 31.64
CA HIS B 264 19.18 32.46 32.74
C HIS B 264 19.41 30.96 32.91
N ASN B 265 18.68 30.37 33.86
CA ASN B 265 18.94 29.00 34.29
C ASN B 265 17.89 27.98 33.82
N LEU B 266 17.18 28.29 32.76
CA LEU B 266 16.22 27.34 32.20
C LEU B 266 16.95 26.24 31.42
N VAL B 267 16.83 25.01 31.91
CA VAL B 267 17.53 23.88 31.32
C VAL B 267 16.76 23.32 30.13
N SER B 268 15.48 23.03 30.36
CA SER B 268 14.63 22.46 29.32
C SER B 268 13.21 22.99 29.46
N VAL B 269 12.54 23.18 28.34
CA VAL B 269 11.10 23.48 28.36
C VAL B 269 10.38 22.59 27.34
N THR B 270 9.34 21.92 27.81
CA THR B 270 8.53 21.03 26.98
C THR B 270 7.12 21.60 26.91
N VAL B 271 6.57 21.67 25.70
CA VAL B 271 5.22 22.21 25.48
C VAL B 271 4.34 21.21 24.74
N ILE B 272 3.14 20.99 25.27
CA ILE B 272 2.10 20.24 24.56
C ILE B 272 1.06 21.25 24.05
N ALA B 273 0.79 21.22 22.75
CA ALA B 273 -0.18 22.14 22.13
C ALA B 273 -1.05 21.39 21.12
N PRO B 274 -2.11 22.03 20.62
CA PRO B 274 -2.98 21.33 19.65
C PRO B 274 -2.26 20.89 18.38
N THR B 275 -1.15 21.53 18.04
CA THR B 275 -0.31 21.12 16.93
C THR B 275 1.16 21.14 17.35
N ALA B 276 1.99 20.38 16.66
CA ALA B 276 3.42 20.38 16.96
C ALA B 276 4.05 21.70 16.52
N LEU B 277 3.49 22.31 15.47
CA LEU B 277 3.94 23.61 15.03
C LEU B 277 3.83 24.64 16.16
N GLU B 278 2.66 24.71 16.78
CA GLU B 278 2.47 25.58 17.94
C GLU B 278 3.44 25.24 19.07
N ALA B 279 3.61 23.94 19.35
CA ALA B 279 4.51 23.53 20.44
C ALA B 279 5.94 23.96 20.15
N ASP B 280 6.34 23.80 18.89
CA ASP B 280 7.70 24.12 18.47
C ASP B 280 7.96 25.64 18.57
N ALA B 281 6.93 26.43 18.29
CA ALA B 281 7.05 27.88 18.38
C ALA B 281 7.10 28.34 19.84
N TRP B 282 6.20 27.80 20.66
CA TRP B 282 6.17 28.16 22.07
C TRP B 282 7.49 27.79 22.77
N ASP B 283 8.02 26.60 22.51
CA ASP B 283 9.15 26.12 23.31
C ASP B 283 10.38 27.00 23.07
N THR B 284 10.56 27.45 21.83
CA THR B 284 11.65 28.37 21.51
C THR B 284 11.45 29.70 22.22
N GLY B 285 10.24 30.23 22.17
CA GLY B 285 9.91 31.48 22.84
C GLY B 285 10.14 31.43 24.34
N LEU B 286 9.67 30.37 24.97
CA LEU B 286 9.78 30.25 26.42
C LEU B 286 11.23 30.04 26.87
N MET B 287 12.01 29.35 26.04
CA MET B 287 13.42 29.13 26.37
C MET B 287 14.16 30.45 26.39
N VAL B 288 13.85 31.34 25.45
CA VAL B 288 14.47 32.65 25.41
C VAL B 288 14.05 33.46 26.65
N LEU B 289 12.77 33.44 26.98
CA LEU B 289 12.24 34.25 28.08
C LEU B 289 12.82 33.85 29.43
N GLY B 290 13.03 32.55 29.62
CA GLY B 290 13.53 32.05 30.89
C GLY B 290 12.39 31.80 31.86
N PRO B 291 12.69 31.18 33.01
CA PRO B 291 11.66 30.62 33.90
C PRO B 291 10.61 31.63 34.39
N GLU B 292 11.03 32.76 34.93
CA GLU B 292 10.11 33.71 35.54
C GLU B 292 9.14 34.29 34.50
N LYS B 293 9.69 34.84 33.42
CA LYS B 293 8.86 35.40 32.36
C LYS B 293 8.05 34.31 31.64
N ALA B 294 8.63 33.13 31.48
CA ALA B 294 7.93 32.05 30.80
C ALA B 294 6.70 31.62 31.60
N LYS B 295 6.83 31.55 32.92
CA LYS B 295 5.70 31.16 33.76
C LYS B 295 4.55 32.15 33.65
N GLU B 296 4.87 33.43 33.48
CA GLU B 296 3.84 34.46 33.31
C GLU B 296 3.05 34.20 32.04
N VAL B 297 3.76 33.94 30.94
CA VAL B 297 3.13 33.65 29.66
C VAL B 297 2.29 32.38 29.75
N VAL B 298 2.85 31.35 30.37
CA VAL B 298 2.17 30.06 30.49
C VAL B 298 0.84 30.20 31.23
N ARG B 299 0.81 30.97 32.30
CA ARG B 299 -0.42 31.18 33.06
C ARG B 299 -1.43 31.97 32.22
N ARG B 300 -0.96 33.04 31.59
CA ARG B 300 -1.84 33.92 30.82
C ARG B 300 -2.43 33.23 29.59
N GLU B 301 -1.63 32.41 28.91
CA GLU B 301 -2.08 31.75 27.68
C GLU B 301 -2.65 30.35 27.93
N GLY B 302 -2.64 29.92 29.19
CA GLY B 302 -3.16 28.61 29.55
C GLY B 302 -2.41 27.45 28.91
N LEU B 303 -1.09 27.56 28.83
CA LEU B 303 -0.28 26.56 28.13
C LEU B 303 0.03 25.33 28.98
N ALA B 304 0.20 24.20 28.31
CA ALA B 304 0.64 22.96 28.94
C ALA B 304 2.15 22.85 28.83
N VAL B 305 2.85 23.18 29.91
CA VAL B 305 4.30 23.31 29.86
C VAL B 305 4.99 22.64 31.04
N TYR B 306 6.15 22.04 30.75
CA TYR B 306 6.99 21.40 31.74
C TYR B 306 8.39 21.99 31.65
N MET B 307 8.88 22.56 32.75
CA MET B 307 10.19 23.21 32.78
C MET B 307 11.16 22.51 33.73
N ILE B 308 12.42 22.48 33.33
CA ILE B 308 13.50 22.08 34.22
C ILE B 308 14.47 23.24 34.34
N THR B 309 14.82 23.60 35.57
CA THR B 309 15.77 24.67 35.84
C THR B 309 16.91 24.17 36.70
N LYS B 310 18.04 24.88 36.68
CA LYS B 310 19.14 24.56 37.57
C LYS B 310 19.20 25.57 38.71
N GLU B 311 19.10 25.06 39.93
CA GLU B 311 19.27 25.87 41.14
C GLU B 311 20.44 25.32 41.93
N GLY B 312 21.60 25.94 41.79
CA GLY B 312 22.80 25.46 42.45
C GLY B 312 23.30 24.17 41.81
N ASP B 313 23.54 23.16 42.64
CA ASP B 313 24.05 21.88 42.16
C ASP B 313 22.95 20.98 41.63
N SER B 314 21.70 21.36 41.89
CA SER B 314 20.56 20.48 41.61
C SER B 314 19.64 21.05 40.55
N PHE B 315 18.66 20.25 40.14
CA PHE B 315 17.65 20.66 39.20
C PHE B 315 16.29 20.61 39.87
N LYS B 316 15.40 21.52 39.50
CA LYS B 316 14.01 21.47 39.94
C LYS B 316 13.11 21.49 38.72
N THR B 317 11.91 20.97 38.91
CA THR B 317 10.94 20.85 37.82
C THR B 317 9.69 21.66 38.12
N TRP B 318 8.98 22.01 37.06
CA TRP B 318 7.74 22.77 37.20
C TRP B 318 6.79 22.38 36.06
N MET B 319 5.55 22.09 36.42
CA MET B 319 4.51 21.77 35.43
C MET B 319 3.32 22.68 35.63
N SER B 320 2.78 23.21 34.55
CA SER B 320 1.51 23.91 34.62
C SER B 320 0.40 22.88 34.86
N PRO B 321 -0.72 23.31 35.42
CA PRO B 321 -1.87 22.41 35.62
C PRO B 321 -2.31 21.73 34.33
N GLN B 322 -2.30 22.48 33.24
CA GLN B 322 -2.72 21.96 31.95
C GLN B 322 -1.81 20.84 31.47
N PHE B 323 -0.51 20.92 31.79
CA PHE B 323 0.42 19.84 31.46
C PHE B 323 0.12 18.59 32.27
N LYS B 324 -0.12 18.76 33.57
CA LYS B 324 -0.35 17.62 34.46
C LYS B 324 -1.51 16.75 33.98
N SER B 325 -2.47 17.36 33.30
CA SER B 325 -3.66 16.64 32.86
C SER B 325 -3.33 15.65 31.73
N PHE B 326 -2.17 15.80 31.11
CA PHE B 326 -1.73 14.89 30.04
C PHE B 326 -0.96 13.68 30.56
N LEU B 327 -0.54 13.73 31.82
CA LEU B 327 0.22 12.62 32.40
C LEU B 327 -0.57 11.32 32.41
N VAL B 328 0.13 10.21 32.12
CA VAL B 328 -0.49 8.88 32.19
C VAL B 328 -0.09 8.19 33.49
N THR C 13 -2.45 -13.98 14.17
CA THR C 13 -2.83 -12.68 13.63
C THR C 13 -4.14 -12.78 12.85
N GLU C 14 -4.76 -11.64 12.57
CA GLU C 14 -6.07 -11.62 11.92
C GLU C 14 -5.97 -11.79 10.40
N VAL C 15 -7.13 -11.97 9.78
CA VAL C 15 -7.22 -12.30 8.36
C VAL C 15 -8.19 -11.36 7.63
N THR C 16 -7.78 -10.89 6.45
CA THR C 16 -8.63 -10.10 5.58
C THR C 16 -9.15 -10.96 4.44
N VAL C 17 -10.45 -10.93 4.22
CA VAL C 17 -11.08 -11.68 3.13
C VAL C 17 -11.67 -10.72 2.10
N LEU C 18 -11.13 -10.76 0.89
CA LEU C 18 -11.66 -9.99 -0.22
C LEU C 18 -12.43 -10.90 -1.15
N GLU C 19 -13.55 -10.40 -1.68
CA GLU C 19 -14.40 -11.18 -2.57
C GLU C 19 -14.96 -10.33 -3.70
N GLY C 20 -15.20 -10.98 -4.83
CA GLY C 20 -15.82 -10.32 -5.97
C GLY C 20 -16.33 -11.30 -6.99
N LYS C 21 -16.68 -10.79 -8.17
CA LYS C 21 -17.22 -11.60 -9.24
C LYS C 21 -16.31 -11.61 -10.47
N THR C 22 -16.18 -12.78 -11.08
CA THR C 22 -15.45 -12.92 -12.34
C THR C 22 -15.81 -14.25 -12.99
N MET C 23 -15.77 -14.28 -14.32
CA MET C 23 -15.89 -15.52 -15.07
C MET C 23 -17.16 -16.30 -14.71
N GLY C 24 -18.25 -15.57 -14.49
CA GLY C 24 -19.54 -16.18 -14.20
C GLY C 24 -19.59 -16.83 -12.83
N THR C 25 -18.59 -16.57 -12.00
CA THR C 25 -18.53 -17.14 -10.67
C THR C 25 -17.96 -16.11 -9.69
N PHE C 26 -17.44 -16.57 -8.56
CA PHE C 26 -16.90 -15.68 -7.54
C PHE C 26 -15.40 -15.90 -7.38
N TRP C 27 -14.70 -14.85 -6.93
CA TRP C 27 -13.31 -14.99 -6.53
C TRP C 27 -13.18 -14.58 -5.07
N ARG C 28 -12.22 -15.19 -4.38
CA ARG C 28 -11.95 -14.87 -2.99
C ARG C 28 -10.44 -14.86 -2.74
N ALA C 29 -10.00 -13.93 -1.91
CA ALA C 29 -8.61 -13.89 -1.47
C ALA C 29 -8.57 -13.73 0.04
N SER C 30 -8.00 -14.72 0.71
CA SER C 30 -7.81 -14.67 2.16
C SER C 30 -6.33 -14.44 2.46
N ILE C 31 -6.03 -13.34 3.13
CA ILE C 31 -4.66 -12.90 3.35
C ILE C 31 -4.50 -12.36 4.77
N PRO C 32 -3.24 -12.27 5.25
CA PRO C 32 -3.01 -11.66 6.56
C PRO C 32 -3.59 -10.27 6.65
N GLY C 33 -4.11 -9.90 7.81
CA GLY C 33 -4.81 -8.64 7.99
C GLY C 33 -4.06 -7.44 7.44
N ILE C 34 -4.76 -6.63 6.66
CA ILE C 34 -4.22 -5.40 6.10
C ILE C 34 -5.16 -4.25 6.41
N ASP C 35 -4.67 -3.03 6.30
CA ASP C 35 -5.47 -1.86 6.63
C ASP C 35 -6.48 -1.57 5.52
N ALA C 36 -7.41 -0.65 5.78
CA ALA C 36 -8.54 -0.42 4.89
C ALA C 36 -8.13 0.15 3.54
N LYS C 37 -7.20 1.09 3.52
CA LYS C 37 -6.78 1.68 2.25
C LYS C 37 -6.04 0.64 1.42
N ARG C 38 -5.17 -0.12 2.08
CA ARG C 38 -4.42 -1.18 1.44
C ARG C 38 -5.37 -2.23 0.86
N SER C 39 -6.39 -2.57 1.64
CA SER C 39 -7.39 -3.55 1.22
C SER C 39 -8.18 -3.06 0.01
N ALA C 40 -8.55 -1.79 -0.01
CA ALA C 40 -9.28 -1.22 -1.14
C ALA C 40 -8.40 -1.21 -2.39
N GLU C 41 -7.14 -0.80 -2.23
CA GLU C 41 -6.21 -0.74 -3.35
C GLU C 41 -5.97 -2.15 -3.92
N LEU C 42 -5.82 -3.13 -3.04
CA LEU C 42 -5.56 -4.49 -3.46
C LEU C 42 -6.76 -5.07 -4.19
N LYS C 43 -7.96 -4.81 -3.68
CA LYS C 43 -9.17 -5.32 -4.31
C LYS C 43 -9.32 -4.78 -5.72
N GLU C 44 -8.95 -3.51 -5.90
CA GLU C 44 -9.02 -2.87 -7.21
C GLU C 44 -8.05 -3.53 -8.19
N LYS C 45 -6.85 -3.84 -7.69
CA LYS C 45 -5.84 -4.50 -8.51
C LYS C 45 -6.27 -5.91 -8.89
N ILE C 46 -6.85 -6.62 -7.93
CA ILE C 46 -7.33 -7.98 -8.17
C ILE C 46 -8.45 -7.98 -9.22
N GLN C 47 -9.45 -7.12 -9.04
CA GLN C 47 -10.57 -7.09 -9.96
C GLN C 47 -10.13 -6.68 -11.36
N THR C 48 -9.20 -5.73 -11.42
CA THR C 48 -8.67 -5.27 -12.70
C THR C 48 -7.97 -6.42 -13.42
N GLN C 49 -7.19 -7.20 -12.67
CA GLN C 49 -6.47 -8.33 -13.27
C GLN C 49 -7.45 -9.40 -13.74
N LEU C 50 -8.43 -9.72 -12.90
CA LEU C 50 -9.40 -10.76 -13.24
C LEU C 50 -10.27 -10.33 -14.42
N ASP C 51 -10.65 -9.05 -14.45
CA ASP C 51 -11.37 -8.50 -15.59
C ASP C 51 -10.56 -8.68 -16.87
N ALA C 52 -9.25 -8.46 -16.78
CA ALA C 52 -8.38 -8.57 -17.95
C ALA C 52 -8.24 -10.03 -18.37
N ASP C 53 -8.13 -10.93 -17.41
CA ASP C 53 -8.06 -12.36 -17.69
C ASP C 53 -9.36 -12.87 -18.31
N ASP C 54 -10.48 -12.36 -17.84
CA ASP C 54 -11.78 -12.73 -18.40
C ASP C 54 -11.87 -12.24 -19.84
N GLN C 55 -11.36 -11.03 -20.08
CA GLN C 55 -11.35 -10.44 -21.41
C GLN C 55 -10.37 -11.14 -22.35
N LEU C 56 -9.37 -11.78 -21.77
CA LEU C 56 -8.39 -12.55 -22.54
C LEU C 56 -8.99 -13.87 -23.01
N LEU C 57 -9.71 -14.55 -22.13
CA LEU C 57 -10.04 -15.95 -22.31
C LEU C 57 -11.50 -16.25 -22.67
N SER C 58 -12.37 -15.26 -22.64
CA SER C 58 -13.80 -15.53 -22.77
C SER C 58 -14.22 -15.84 -24.19
N THR C 59 -15.19 -16.75 -24.32
CA THR C 59 -15.82 -17.05 -25.59
C THR C 59 -17.06 -16.18 -25.73
N TYR C 60 -17.60 -15.73 -24.60
CA TYR C 60 -18.79 -14.89 -24.57
C TYR C 60 -18.52 -13.52 -25.16
N LYS C 61 -17.40 -12.92 -24.79
CA LYS C 61 -16.99 -11.64 -25.34
C LYS C 61 -16.39 -11.90 -26.71
N LYS C 62 -17.07 -11.45 -27.75
CA LYS C 62 -16.66 -11.75 -29.12
C LYS C 62 -15.39 -10.99 -29.49
N ASP C 63 -14.98 -10.07 -28.62
CA ASP C 63 -13.79 -9.26 -28.84
C ASP C 63 -12.60 -9.70 -27.98
N SER C 64 -12.75 -10.82 -27.28
CA SER C 64 -11.66 -11.34 -26.45
C SER C 64 -10.49 -11.72 -27.34
N ALA C 65 -9.31 -11.86 -26.74
CA ALA C 65 -8.14 -12.33 -27.48
C ALA C 65 -8.42 -13.70 -28.07
N LEU C 66 -9.03 -14.58 -27.26
CA LEU C 66 -9.36 -15.92 -27.72
C LEU C 66 -10.35 -15.89 -28.88
N MET C 67 -11.40 -15.08 -28.77
CA MET C 67 -12.41 -15.06 -29.81
C MET C 67 -11.90 -14.40 -31.09
N ARG C 68 -10.92 -13.51 -30.97
CA ARG C 68 -10.29 -12.94 -32.15
C ARG C 68 -9.50 -14.02 -32.90
N PHE C 69 -8.84 -14.89 -32.15
CA PHE C 69 -8.13 -16.03 -32.74
C PHE C 69 -9.13 -16.96 -33.44
N ASN C 70 -10.24 -17.26 -32.76
CA ASN C 70 -11.26 -18.14 -33.31
C ASN C 70 -11.87 -17.58 -34.60
N ASP C 71 -12.07 -16.27 -34.62
CA ASP C 71 -12.70 -15.63 -35.77
C ASP C 71 -11.73 -15.49 -36.95
N SER C 72 -10.43 -15.55 -36.68
CA SER C 72 -9.44 -15.56 -37.75
C SER C 72 -9.45 -16.89 -38.49
N GLN C 73 -9.26 -16.82 -39.80
CA GLN C 73 -9.15 -18.02 -40.63
C GLN C 73 -7.70 -18.28 -41.02
N SER C 74 -6.79 -17.49 -40.45
CA SER C 74 -5.37 -17.61 -40.74
C SER C 74 -4.78 -18.92 -40.24
N LEU C 75 -3.93 -19.53 -41.07
CA LEU C 75 -3.19 -20.73 -40.67
C LEU C 75 -1.75 -20.39 -40.32
N SER C 76 -1.44 -19.09 -40.25
CA SER C 76 -0.11 -18.63 -39.85
C SER C 76 -0.07 -18.39 -38.34
N PRO C 77 1.14 -18.27 -37.77
CA PRO C 77 1.26 -17.97 -36.34
C PRO C 77 0.52 -16.70 -35.95
N TRP C 78 -0.22 -16.76 -34.84
CA TRP C 78 -1.06 -15.67 -34.39
C TRP C 78 -0.57 -15.17 -33.03
N PRO C 79 -0.11 -13.91 -32.95
CA PRO C 79 0.50 -13.47 -31.69
C PRO C 79 -0.46 -13.46 -30.50
N VAL C 80 0.01 -14.00 -29.38
CA VAL C 80 -0.78 -14.03 -28.14
C VAL C 80 0.10 -13.68 -26.94
N SER C 81 -0.53 -13.54 -25.79
CA SER C 81 0.19 -13.26 -24.54
C SER C 81 0.88 -14.52 -24.00
N GLU C 82 1.77 -14.33 -23.03
CA GLU C 82 2.46 -15.46 -22.40
C GLU C 82 1.45 -16.39 -21.73
N ALA C 83 0.42 -15.81 -21.13
CA ALA C 83 -0.60 -16.58 -20.43
C ALA C 83 -1.35 -17.49 -21.40
N MET C 84 -1.79 -16.93 -22.52
CA MET C 84 -2.50 -17.70 -23.54
C MET C 84 -1.66 -18.89 -24.02
N ALA C 85 -0.41 -18.61 -24.33
CA ALA C 85 0.49 -19.66 -24.81
C ALA C 85 0.63 -20.78 -23.79
N ASP C 86 0.81 -20.40 -22.53
CA ASP C 86 1.00 -21.38 -21.46
C ASP C 86 -0.27 -22.17 -21.13
N ILE C 87 -1.42 -21.51 -21.17
CA ILE C 87 -2.68 -22.21 -20.94
C ILE C 87 -2.91 -23.27 -22.02
N VAL C 88 -2.67 -22.88 -23.27
CA VAL C 88 -2.88 -23.80 -24.38
C VAL C 88 -1.84 -24.94 -24.34
N THR C 89 -0.60 -24.61 -24.00
CA THR C 89 0.44 -25.63 -23.88
C THR C 89 0.02 -26.69 -22.86
N THR C 90 -0.39 -26.24 -21.68
CA THR C 90 -0.78 -27.15 -20.61
C THR C 90 -2.00 -27.97 -21.03
N SER C 91 -2.94 -27.33 -21.71
CA SER C 91 -4.17 -27.98 -22.15
C SER C 91 -3.89 -29.08 -23.18
N LEU C 92 -2.97 -28.81 -24.10
CA LEU C 92 -2.61 -29.78 -25.12
C LEU C 92 -1.95 -31.01 -24.50
N ARG C 93 -1.09 -30.78 -23.52
CA ARG C 93 -0.34 -31.86 -22.90
C ARG C 93 -1.23 -32.75 -22.02
N ILE C 94 -2.09 -32.13 -21.23
CA ILE C 94 -2.98 -32.90 -20.37
C ILE C 94 -4.09 -33.52 -21.22
N GLY C 95 -4.40 -32.88 -22.35
CA GLY C 95 -5.26 -33.49 -23.34
C GLY C 95 -4.65 -34.79 -23.83
N ALA C 96 -3.37 -34.74 -24.21
CA ALA C 96 -2.66 -35.93 -24.67
C ALA C 96 -2.62 -37.02 -23.61
N LYS C 97 -2.43 -36.61 -22.36
CA LYS C 97 -2.21 -37.55 -21.27
C LYS C 97 -3.52 -38.13 -20.73
N THR C 98 -4.65 -37.57 -21.16
CA THR C 98 -5.95 -38.13 -20.82
C THR C 98 -6.61 -38.75 -22.07
N ASP C 99 -5.77 -39.10 -23.04
CA ASP C 99 -6.23 -39.76 -24.26
C ASP C 99 -7.30 -38.93 -24.98
N GLY C 100 -7.20 -37.61 -24.86
CA GLY C 100 -8.06 -36.70 -25.58
C GLY C 100 -9.34 -36.35 -24.86
N ALA C 101 -9.47 -36.79 -23.61
CA ALA C 101 -10.69 -36.56 -22.84
C ALA C 101 -10.82 -35.09 -22.45
N MET C 102 -9.68 -34.48 -22.14
CA MET C 102 -9.60 -33.04 -21.96
C MET C 102 -9.26 -32.40 -23.31
N ASP C 103 -10.24 -31.74 -23.91
CA ASP C 103 -10.11 -31.26 -25.29
C ASP C 103 -10.68 -29.85 -25.46
N ILE C 104 -9.79 -28.88 -25.64
CA ILE C 104 -10.22 -27.49 -25.78
C ILE C 104 -10.72 -27.14 -27.17
N THR C 105 -10.74 -28.12 -28.09
CA THR C 105 -11.24 -27.89 -29.44
C THR C 105 -12.62 -28.50 -29.67
N VAL C 106 -13.22 -29.04 -28.61
CA VAL C 106 -14.45 -29.82 -28.71
C VAL C 106 -15.72 -28.95 -28.87
N GLY C 107 -15.56 -27.64 -28.79
CA GLY C 107 -16.68 -26.72 -28.85
C GLY C 107 -17.75 -27.02 -29.89
N PRO C 108 -17.35 -27.23 -31.15
CA PRO C 108 -18.30 -27.56 -32.23
C PRO C 108 -19.17 -28.77 -31.92
N LEU C 109 -18.59 -29.80 -31.30
CA LEU C 109 -19.34 -30.97 -30.88
C LEU C 109 -20.33 -30.65 -29.78
N VAL C 110 -19.88 -29.86 -28.81
CA VAL C 110 -20.72 -29.47 -27.68
C VAL C 110 -21.91 -28.66 -28.19
N ASN C 111 -21.64 -27.83 -29.19
CA ASN C 111 -22.66 -26.96 -29.77
C ASN C 111 -23.77 -27.73 -30.49
N LEU C 112 -23.54 -29.03 -30.75
CA LEU C 112 -24.56 -29.86 -31.41
C LEU C 112 -25.67 -30.29 -30.46
N TRP C 113 -25.38 -30.28 -29.16
CA TRP C 113 -26.29 -30.85 -28.17
C TRP C 113 -27.12 -29.78 -27.45
N GLY C 114 -26.71 -28.52 -27.55
CA GLY C 114 -27.36 -27.45 -26.82
C GLY C 114 -26.91 -27.45 -25.38
N PHE C 115 -25.73 -28.01 -25.15
CA PHE C 115 -25.15 -28.10 -23.82
C PHE C 115 -24.09 -27.03 -23.61
N GLN C 120 -30.95 -33.79 -19.50
CA GLN C 120 -31.60 -34.54 -20.56
C GLN C 120 -31.34 -33.84 -21.91
N PRO C 121 -31.01 -34.62 -22.95
CA PRO C 121 -30.89 -33.99 -24.28
C PRO C 121 -32.23 -33.61 -24.88
N VAL C 122 -32.35 -32.38 -25.38
CA VAL C 122 -33.59 -31.92 -26.00
C VAL C 122 -33.42 -31.80 -27.51
N GLN C 123 -32.22 -31.47 -27.95
CA GLN C 123 -31.87 -31.52 -29.36
C GLN C 123 -30.68 -32.46 -29.56
N ILE C 124 -30.97 -33.62 -30.14
CA ILE C 124 -29.98 -34.68 -30.31
C ILE C 124 -29.49 -34.72 -31.76
N PRO C 125 -28.16 -34.81 -31.96
CA PRO C 125 -27.64 -34.95 -33.32
C PRO C 125 -27.59 -36.41 -33.78
N SER C 126 -27.57 -36.61 -35.09
CA SER C 126 -27.39 -37.94 -35.66
C SER C 126 -25.93 -38.35 -35.54
N GLN C 127 -25.65 -39.63 -35.75
CA GLN C 127 -24.27 -40.12 -35.75
C GLN C 127 -23.50 -39.47 -36.90
N GLU C 128 -24.21 -39.16 -37.99
CA GLU C 128 -23.58 -38.53 -39.15
C GLU C 128 -23.12 -37.11 -38.81
N GLN C 129 -23.98 -36.36 -38.13
CA GLN C 129 -23.67 -34.98 -37.75
C GLN C 129 -22.53 -34.94 -36.73
N ILE C 130 -22.56 -35.85 -35.77
CA ILE C 130 -21.48 -35.98 -34.80
C ILE C 130 -20.16 -36.21 -35.52
N ASP C 131 -20.17 -37.16 -36.45
CA ASP C 131 -18.97 -37.51 -37.19
C ASP C 131 -18.44 -36.35 -38.02
N ALA C 132 -19.37 -35.61 -38.63
CA ALA C 132 -19.00 -34.45 -39.43
C ALA C 132 -18.34 -33.38 -38.56
N MET C 133 -18.82 -33.27 -37.32
CA MET C 133 -18.36 -32.22 -36.43
C MET C 133 -17.01 -32.53 -35.81
N LYS C 134 -16.76 -33.81 -35.51
CA LYS C 134 -15.50 -34.19 -34.89
C LYS C 134 -14.36 -34.01 -35.89
N ALA C 135 -14.69 -33.89 -37.17
CA ALA C 135 -13.70 -33.61 -38.20
C ALA C 135 -13.16 -32.17 -38.07
N LYS C 136 -13.93 -31.30 -37.42
CA LYS C 136 -13.50 -29.92 -37.19
C LYS C 136 -12.94 -29.74 -35.78
N THR C 137 -12.61 -30.83 -35.11
CA THR C 137 -11.99 -30.79 -33.79
C THR C 137 -10.74 -31.66 -33.76
N GLY C 138 -9.91 -31.47 -32.74
CA GLY C 138 -8.74 -32.31 -32.52
C GLY C 138 -7.55 -31.56 -31.97
N LEU C 139 -6.96 -32.11 -30.91
CA LEU C 139 -5.81 -31.50 -30.27
C LEU C 139 -4.61 -31.38 -31.19
N GLN C 140 -4.55 -32.25 -32.20
CA GLN C 140 -3.41 -32.24 -33.13
C GLN C 140 -3.37 -30.97 -33.96
N HIS C 141 -4.49 -30.24 -34.01
CA HIS C 141 -4.61 -29.09 -34.90
C HIS C 141 -3.99 -27.80 -34.36
N LEU C 142 -3.51 -27.83 -33.11
CA LEU C 142 -2.99 -26.62 -32.47
C LEU C 142 -1.49 -26.71 -32.16
N THR C 143 -0.81 -25.58 -32.33
CA THR C 143 0.61 -25.46 -32.01
C THR C 143 0.84 -24.17 -31.23
N VAL C 144 1.74 -24.23 -30.24
CA VAL C 144 2.18 -23.04 -29.51
C VAL C 144 3.64 -22.79 -29.82
N ILE C 145 3.96 -21.53 -30.11
CA ILE C 145 5.31 -21.12 -30.46
C ILE C 145 5.79 -20.06 -29.46
N ASN C 146 6.83 -20.39 -28.71
CA ASN C 146 7.39 -19.48 -27.70
C ASN C 146 8.74 -18.91 -28.12
N GLN C 147 8.88 -17.60 -28.01
CA GLN C 147 10.16 -16.94 -28.20
C GLN C 147 10.43 -15.98 -27.04
N SER C 148 11.58 -15.32 -27.05
CA SER C 148 11.98 -14.51 -25.91
C SER C 148 11.02 -13.35 -25.65
N HIS C 149 10.64 -12.64 -26.71
CA HIS C 149 9.84 -11.42 -26.57
C HIS C 149 8.42 -11.54 -27.13
N GLN C 150 8.09 -12.67 -27.72
CA GLN C 150 6.75 -12.89 -28.26
C GLN C 150 6.41 -14.37 -28.32
N GLN C 151 5.13 -14.67 -28.49
CA GLN C 151 4.68 -16.04 -28.62
C GLN C 151 3.40 -16.09 -29.43
N TYR C 152 3.06 -17.27 -29.94
CA TYR C 152 2.00 -17.44 -30.91
C TYR C 152 1.18 -18.70 -30.70
N LEU C 153 -0.07 -18.66 -31.17
CA LEU C 153 -0.82 -19.87 -31.45
C LEU C 153 -0.85 -20.08 -32.95
N GLN C 154 -0.93 -21.33 -33.37
CA GLN C 154 -1.08 -21.65 -34.78
C GLN C 154 -2.03 -22.83 -34.95
N LYS C 155 -3.02 -22.66 -35.81
CA LYS C 155 -3.96 -23.73 -36.14
C LYS C 155 -3.81 -24.13 -37.62
N ASP C 156 -4.01 -25.40 -37.92
CA ASP C 156 -3.88 -25.90 -39.29
C ASP C 156 -5.26 -26.13 -39.92
N LEU C 157 -6.29 -25.67 -39.23
CA LEU C 157 -7.66 -25.77 -39.69
C LEU C 157 -8.33 -24.43 -39.44
N PRO C 158 -8.83 -23.76 -40.50
CA PRO C 158 -9.27 -22.38 -40.29
C PRO C 158 -10.44 -22.23 -39.32
N ASP C 159 -11.33 -23.22 -39.26
CA ASP C 159 -12.52 -23.13 -38.43
C ASP C 159 -12.41 -24.00 -37.19
N LEU C 160 -11.18 -24.30 -36.79
CA LEU C 160 -10.95 -24.82 -35.45
C LEU C 160 -11.51 -23.81 -34.46
N TYR C 161 -12.12 -24.29 -33.39
CA TYR C 161 -12.71 -23.41 -32.38
C TYR C 161 -12.19 -23.79 -31.01
N VAL C 162 -11.53 -22.85 -30.35
CA VAL C 162 -10.89 -23.09 -29.06
C VAL C 162 -11.71 -22.47 -27.94
N ASP C 163 -11.92 -23.26 -26.89
CA ASP C 163 -12.73 -22.86 -25.75
C ASP C 163 -11.95 -23.24 -24.49
N LEU C 164 -11.71 -22.27 -23.63
CA LEU C 164 -10.82 -22.44 -22.48
C LEU C 164 -11.55 -22.39 -21.15
N SER C 165 -12.87 -22.56 -21.20
CA SER C 165 -13.70 -22.44 -20.00
C SER C 165 -13.37 -23.51 -18.96
N THR C 166 -12.87 -24.66 -19.42
CA THR C 166 -12.57 -25.77 -18.51
C THR C 166 -11.24 -25.63 -17.79
N VAL C 167 -10.42 -24.65 -18.20
CA VAL C 167 -9.13 -24.41 -17.55
C VAL C 167 -8.91 -22.97 -17.11
N GLY C 168 -9.82 -22.07 -17.49
CA GLY C 168 -9.64 -20.65 -17.24
C GLY C 168 -9.59 -20.26 -15.78
N LYS C 169 -10.46 -20.88 -14.97
CA LYS C 169 -10.53 -20.57 -13.54
C LYS C 169 -9.24 -20.95 -12.83
N GLY C 170 -8.66 -22.08 -13.22
CA GLY C 170 -7.40 -22.53 -12.65
C GLY C 170 -6.28 -21.55 -12.93
N TYR C 171 -6.20 -21.10 -14.18
CA TYR C 171 -5.21 -20.10 -14.53
C TYR C 171 -5.41 -18.84 -13.71
N ALA C 172 -6.66 -18.39 -13.64
CA ALA C 172 -6.99 -17.14 -12.95
C ALA C 172 -6.58 -17.19 -11.49
N ALA C 173 -6.75 -18.35 -10.86
CA ALA C 173 -6.35 -18.52 -9.47
C ALA C 173 -4.83 -18.48 -9.33
N ASP C 174 -4.11 -19.12 -10.25
CA ASP C 174 -2.66 -19.08 -10.27
C ASP C 174 -2.14 -17.66 -10.43
N HIS C 175 -2.77 -16.93 -11.35
CA HIS C 175 -2.36 -15.57 -11.67
C HIS C 175 -2.67 -14.65 -10.50
N LEU C 176 -3.79 -14.91 -9.83
CA LEU C 176 -4.16 -14.18 -8.63
C LEU C 176 -3.10 -14.41 -7.53
N ALA C 177 -2.65 -15.65 -7.39
CA ALA C 177 -1.59 -15.96 -6.44
C ALA C 177 -0.30 -15.20 -6.76
N ARG C 178 0.05 -15.13 -8.05
CA ARG C 178 1.26 -14.42 -8.44
C ARG C 178 1.13 -12.92 -8.13
N LEU C 179 -0.07 -12.38 -8.30
CA LEU C 179 -0.31 -10.99 -7.96
C LEU C 179 -0.06 -10.75 -6.47
N MET C 180 -0.52 -11.68 -5.63
CA MET C 180 -0.27 -11.57 -4.18
C MET C 180 1.23 -11.53 -3.89
N GLU C 181 1.99 -12.40 -4.54
CA GLU C 181 3.45 -12.44 -4.35
C GLU C 181 4.10 -11.12 -4.76
N GLN C 182 3.66 -10.58 -5.89
CA GLN C 182 4.18 -9.33 -6.40
C GLN C 182 3.88 -8.17 -5.45
N GLU C 183 2.80 -8.32 -4.68
CA GLU C 183 2.39 -7.32 -3.70
C GLU C 183 2.95 -7.59 -2.31
N GLY C 184 3.91 -8.52 -2.22
CA GLY C 184 4.58 -8.79 -0.96
C GLY C 184 3.75 -9.59 0.01
N ILE C 185 2.75 -10.29 -0.53
CA ILE C 185 1.90 -11.16 0.26
C ILE C 185 2.23 -12.60 -0.09
N SER C 186 2.95 -13.26 0.81
CA SER C 186 3.53 -14.57 0.53
C SER C 186 2.83 -15.67 1.33
N ARG C 187 1.76 -15.30 2.03
CA ARG C 187 0.89 -16.24 2.70
C ARG C 187 -0.54 -15.93 2.32
N TYR C 188 -1.22 -16.88 1.70
CA TYR C 188 -2.56 -16.62 1.20
C TYR C 188 -3.30 -17.89 0.82
N LEU C 189 -4.62 -17.76 0.75
CA LEU C 189 -5.48 -18.74 0.09
C LEU C 189 -6.36 -17.97 -0.87
N VAL C 190 -6.21 -18.21 -2.17
CA VAL C 190 -7.02 -17.53 -3.16
C VAL C 190 -7.81 -18.53 -3.99
N SER C 191 -8.93 -18.07 -4.54
CA SER C 191 -9.80 -18.94 -5.29
C SER C 191 -10.56 -18.20 -6.39
N VAL C 192 -10.79 -18.90 -7.48
CA VAL C 192 -11.69 -18.46 -8.55
C VAL C 192 -12.62 -19.65 -8.83
N GLY C 193 -13.89 -19.49 -8.51
CA GLY C 193 -14.80 -20.62 -8.51
C GLY C 193 -14.26 -21.71 -7.61
N GLY C 194 -14.20 -22.93 -8.13
CA GLY C 194 -13.75 -24.07 -7.35
C GLY C 194 -12.26 -24.34 -7.45
N ALA C 195 -11.53 -23.43 -8.08
CA ALA C 195 -10.09 -23.56 -8.24
C ALA C 195 -9.38 -22.73 -7.18
N LEU C 196 -8.49 -23.36 -6.43
CA LEU C 196 -7.78 -22.68 -5.34
C LEU C 196 -6.28 -22.80 -5.49
N ASN C 197 -5.58 -21.81 -4.95
CA ASN C 197 -4.12 -21.79 -4.93
C ASN C 197 -3.68 -21.21 -3.59
N SER C 198 -2.72 -21.86 -2.95
CA SER C 198 -2.27 -21.41 -1.63
C SER C 198 -0.78 -21.66 -1.42
N ARG C 199 -0.14 -20.70 -0.75
CA ARG C 199 1.23 -20.85 -0.27
C ARG C 199 1.32 -20.22 1.11
N GLY C 200 2.22 -20.73 1.93
CA GLY C 200 2.42 -20.19 3.26
C GLY C 200 1.33 -20.65 4.22
N MET C 201 1.58 -20.45 5.51
CA MET C 201 0.63 -20.84 6.55
C MET C 201 -0.29 -19.67 6.91
N ASN C 202 -1.37 -19.96 7.63
CA ASN C 202 -2.32 -18.91 8.01
C ASN C 202 -1.81 -18.17 9.25
N GLY C 203 -2.65 -17.28 9.79
CA GLY C 203 -2.24 -16.41 10.88
C GLY C 203 -1.74 -17.14 12.11
N GLU C 204 -2.16 -18.39 12.27
CA GLU C 204 -1.79 -19.19 13.42
C GLU C 204 -0.75 -20.25 13.05
N GLY C 205 -0.08 -20.05 11.92
CA GLY C 205 0.99 -20.93 11.49
C GLY C 205 0.50 -22.31 11.09
N LEU C 206 -0.80 -22.43 10.81
CA LEU C 206 -1.39 -23.69 10.38
C LEU C 206 -1.84 -23.59 8.93
N PRO C 207 -2.11 -24.73 8.28
CA PRO C 207 -2.57 -24.69 6.89
C PRO C 207 -3.87 -23.91 6.72
N TRP C 208 -3.99 -23.19 5.62
CA TRP C 208 -5.26 -22.58 5.25
C TRP C 208 -6.27 -23.69 5.06
N ARG C 209 -7.48 -23.52 5.61
CA ARG C 209 -8.46 -24.58 5.58
C ARG C 209 -9.03 -24.79 4.18
N VAL C 210 -8.83 -26.00 3.66
CA VAL C 210 -9.41 -26.42 2.39
C VAL C 210 -10.14 -27.74 2.60
N ALA C 211 -11.47 -27.67 2.63
CA ALA C 211 -12.28 -28.85 2.93
C ALA C 211 -12.73 -29.57 1.66
N ILE C 212 -12.77 -30.89 1.75
CA ILE C 212 -13.16 -31.76 0.65
C ILE C 212 -14.60 -32.25 0.84
N GLN C 213 -15.34 -32.35 -0.27
CA GLN C 213 -16.67 -32.94 -0.26
C GLN C 213 -16.71 -34.27 0.48
N LYS C 214 -17.52 -34.36 1.54
CA LYS C 214 -17.83 -35.63 2.17
C LYS C 214 -19.28 -35.99 1.83
N PRO C 215 -19.49 -37.08 1.07
CA PRO C 215 -20.86 -37.32 0.61
C PRO C 215 -21.79 -37.80 1.73
N THR C 216 -21.25 -38.54 2.69
CA THR C 216 -22.06 -39.11 3.78
C THR C 216 -22.80 -38.03 4.55
N GLN C 223 -15.34 -34.34 7.71
CA GLN C 223 -14.91 -34.07 6.34
C GLN C 223 -13.39 -34.02 6.25
N ALA C 224 -12.86 -34.54 5.15
CA ALA C 224 -11.42 -34.51 4.91
C ALA C 224 -10.96 -33.08 4.65
N VAL C 225 -9.78 -32.76 5.17
CA VAL C 225 -9.17 -31.44 4.98
C VAL C 225 -7.76 -31.65 4.43
N VAL C 226 -7.36 -30.82 3.48
CA VAL C 226 -6.03 -30.91 2.87
C VAL C 226 -5.24 -29.63 3.03
N ASP C 227 -3.91 -29.79 3.03
CA ASP C 227 -2.97 -28.68 3.02
C ASP C 227 -2.36 -28.57 1.63
N ILE C 228 -2.80 -27.58 0.86
CA ILE C 228 -2.36 -27.46 -0.54
C ILE C 228 -1.22 -26.45 -0.71
N ASN C 229 -0.58 -26.09 0.39
CA ASN C 229 0.63 -25.26 0.36
C ASN C 229 1.53 -25.59 -0.83
N GLY C 230 1.78 -24.59 -1.68
CA GLY C 230 2.65 -24.74 -2.83
C GLY C 230 1.98 -25.37 -4.04
N HIS C 231 0.66 -25.49 -3.99
CA HIS C 231 -0.08 -26.21 -5.02
C HIS C 231 -1.40 -25.52 -5.37
N GLY C 232 -2.07 -26.07 -6.37
CA GLY C 232 -3.43 -25.68 -6.70
C GLY C 232 -4.34 -26.89 -6.59
N ILE C 233 -5.64 -26.63 -6.46
CA ILE C 233 -6.61 -27.70 -6.35
C ILE C 233 -7.84 -27.30 -7.14
N SER C 234 -8.51 -28.26 -7.75
CA SER C 234 -9.72 -27.98 -8.49
C SER C 234 -10.62 -29.21 -8.49
N THR C 235 -11.93 -28.95 -8.54
CA THR C 235 -12.93 -30.02 -8.52
C THR C 235 -13.85 -29.91 -9.72
N SER C 236 -14.13 -31.06 -10.33
CA SER C 236 -15.15 -31.15 -11.36
C SER C 236 -16.32 -31.98 -10.82
N GLY C 237 -17.51 -31.38 -10.80
CA GLY C 237 -18.69 -32.09 -10.36
C GLY C 237 -18.92 -32.02 -8.86
N SER C 238 -20.14 -32.36 -8.46
CA SER C 238 -20.52 -32.39 -7.05
C SER C 238 -21.59 -33.46 -6.84
N TYR C 239 -21.55 -34.14 -5.71
CA TYR C 239 -22.58 -35.13 -5.40
C TYR C 239 -23.92 -34.46 -5.12
N ARG C 240 -23.94 -33.13 -5.14
CA ARG C 240 -25.17 -32.37 -5.01
C ARG C 240 -25.71 -31.84 -6.36
N ASN C 241 -24.98 -32.08 -7.45
CA ASN C 241 -25.50 -31.76 -8.79
C ASN C 241 -25.29 -32.93 -9.75
N TYR C 242 -25.73 -34.10 -9.30
CA TYR C 242 -25.56 -35.36 -10.02
C TYR C 242 -26.90 -35.88 -10.56
N TYR C 243 -27.26 -35.45 -11.77
CA TYR C 243 -28.55 -35.83 -12.36
C TYR C 243 -28.55 -37.28 -12.83
N GLU C 244 -29.63 -38.01 -12.53
CA GLU C 244 -29.70 -39.44 -12.78
C GLU C 244 -31.14 -39.95 -12.94
N LEU C 245 -31.51 -40.29 -14.18
CA LEU C 245 -32.86 -40.79 -14.47
C LEU C 245 -32.84 -42.27 -14.85
N ASP C 246 -33.73 -43.04 -14.23
CA ASP C 246 -33.75 -44.49 -14.38
C ASP C 246 -32.38 -45.05 -13.98
N GLY C 247 -31.74 -45.81 -14.85
CA GLY C 247 -30.42 -46.35 -14.57
C GLY C 247 -29.33 -45.53 -15.25
N LYS C 248 -29.72 -44.44 -15.90
CA LYS C 248 -28.80 -43.67 -16.74
C LYS C 248 -28.32 -42.36 -16.12
N ARG C 249 -27.05 -42.08 -16.33
CA ARG C 249 -26.47 -40.77 -16.03
C ARG C 249 -27.02 -39.72 -16.98
N LEU C 250 -27.44 -38.58 -16.44
CA LEU C 250 -27.80 -37.42 -17.26
C LEU C 250 -26.77 -36.32 -17.06
N SER C 251 -26.03 -36.02 -18.12
CA SER C 251 -24.93 -35.06 -18.07
C SER C 251 -24.85 -34.23 -19.34
N HIS C 252 -24.44 -32.98 -19.21
CA HIS C 252 -24.20 -32.14 -20.38
C HIS C 252 -22.71 -32.15 -20.75
N VAL C 253 -21.92 -32.94 -20.02
CA VAL C 253 -20.51 -33.12 -20.35
C VAL C 253 -20.37 -34.06 -21.54
N ILE C 254 -19.80 -33.54 -22.62
CA ILE C 254 -19.61 -34.33 -23.83
C ILE C 254 -18.23 -34.99 -23.85
N ASP C 255 -18.22 -36.30 -24.08
CA ASP C 255 -17.00 -37.04 -24.31
C ASP C 255 -16.47 -36.69 -25.71
N PRO C 256 -15.31 -36.03 -25.78
CA PRO C 256 -14.86 -35.58 -27.11
C PRO C 256 -14.50 -36.71 -28.08
N GLN C 257 -14.36 -37.94 -27.59
CA GLN C 257 -14.03 -39.07 -28.46
C GLN C 257 -15.27 -39.78 -29.01
N THR C 258 -16.39 -39.70 -28.30
CA THR C 258 -17.66 -40.24 -28.80
C THR C 258 -18.55 -39.13 -29.35
N GLY C 259 -18.30 -37.91 -28.90
CA GLY C 259 -19.14 -36.78 -29.28
C GLY C 259 -20.50 -36.85 -28.63
N ARG C 260 -20.59 -37.63 -27.55
CA ARG C 260 -21.85 -37.85 -26.84
C ARG C 260 -21.68 -37.60 -25.34
N PRO C 261 -22.80 -37.38 -24.64
CA PRO C 261 -22.71 -37.20 -23.17
C PRO C 261 -22.12 -38.41 -22.46
N ILE C 262 -21.38 -38.18 -21.37
CA ILE C 262 -20.84 -39.26 -20.57
C ILE C 262 -21.97 -40.08 -19.94
N GLU C 263 -21.70 -41.36 -19.67
CA GLU C 263 -22.73 -42.26 -19.14
C GLU C 263 -22.30 -42.98 -17.86
N HIS C 264 -21.10 -42.66 -17.35
CA HIS C 264 -20.54 -43.37 -16.21
C HIS C 264 -21.00 -42.75 -14.88
N ASN C 265 -20.53 -43.33 -13.78
CA ASN C 265 -21.02 -42.98 -12.45
C ASN C 265 -20.04 -42.17 -11.60
N LEU C 266 -19.10 -41.48 -12.26
CA LEU C 266 -18.19 -40.62 -11.54
C LEU C 266 -18.88 -39.30 -11.20
N VAL C 267 -19.09 -39.10 -9.91
CA VAL C 267 -19.90 -37.99 -9.40
C VAL C 267 -19.08 -36.70 -9.28
N SER C 268 -17.86 -36.83 -8.80
CA SER C 268 -16.97 -35.67 -8.69
C SER C 268 -15.53 -36.13 -8.62
N VAL C 269 -14.63 -35.26 -9.08
CA VAL C 269 -13.21 -35.53 -9.05
C VAL C 269 -12.49 -34.30 -8.59
N THR C 270 -11.61 -34.46 -7.61
CA THR C 270 -10.81 -33.37 -7.08
C THR C 270 -9.35 -33.69 -7.32
N VAL C 271 -8.62 -32.73 -7.90
CA VAL C 271 -7.22 -32.90 -8.23
C VAL C 271 -6.36 -31.86 -7.52
N ILE C 272 -5.28 -32.31 -6.89
CA ILE C 272 -4.23 -31.42 -6.39
C ILE C 272 -3.04 -31.54 -7.32
N ALA C 273 -2.56 -30.40 -7.82
CA ALA C 273 -1.42 -30.37 -8.74
C ALA C 273 -0.51 -29.18 -8.42
N PRO C 274 0.66 -29.11 -9.07
CA PRO C 274 1.58 -28.01 -8.74
C PRO C 274 1.01 -26.62 -9.06
N THR C 275 0.02 -26.56 -9.96
CA THR C 275 -0.70 -25.33 -10.25
C THR C 275 -2.20 -25.61 -10.38
N ALA C 276 -3.02 -24.61 -10.12
CA ALA C 276 -4.46 -24.76 -10.26
C ALA C 276 -4.84 -24.93 -11.72
N LEU C 277 -4.05 -24.34 -12.62
CA LEU C 277 -4.27 -24.54 -14.06
C LEU C 277 -4.20 -26.03 -14.41
N GLU C 278 -3.15 -26.70 -13.97
CA GLU C 278 -3.01 -28.14 -14.20
C GLU C 278 -4.17 -28.92 -13.56
N ALA C 279 -4.50 -28.59 -12.31
CA ALA C 279 -5.58 -29.26 -11.62
C ALA C 279 -6.90 -29.10 -12.36
N ASP C 280 -7.13 -27.90 -12.89
CA ASP C 280 -8.38 -27.60 -13.59
C ASP C 280 -8.44 -28.36 -14.92
N ALA C 281 -7.29 -28.60 -15.53
CA ALA C 281 -7.23 -29.38 -16.76
C ALA C 281 -7.43 -30.87 -16.46
N TRP C 282 -6.75 -31.36 -15.43
CA TRP C 282 -6.88 -32.76 -15.05
C TRP C 282 -8.31 -33.10 -14.64
N ASP C 283 -8.94 -32.26 -13.81
CA ASP C 283 -10.22 -32.67 -13.22
C ASP C 283 -11.28 -32.81 -14.31
N THR C 284 -11.17 -31.99 -15.36
CA THR C 284 -12.07 -32.09 -16.50
C THR C 284 -11.84 -33.37 -17.29
N GLY C 285 -10.58 -33.68 -17.58
CA GLY C 285 -10.25 -34.86 -18.35
C GLY C 285 -10.66 -36.14 -17.63
N LEU C 286 -10.39 -36.18 -16.34
CA LEU C 286 -10.70 -37.36 -15.53
C LEU C 286 -12.22 -37.56 -15.38
N MET C 287 -12.96 -36.47 -15.22
CA MET C 287 -14.42 -36.55 -15.17
C MET C 287 -14.96 -37.20 -16.44
N VAL C 288 -14.44 -36.78 -17.58
CA VAL C 288 -14.88 -37.34 -18.87
C VAL C 288 -14.55 -38.83 -18.96
N LEU C 289 -13.35 -39.20 -18.52
CA LEU C 289 -12.91 -40.60 -18.64
C LEU C 289 -13.74 -41.56 -17.80
N GLY C 290 -14.17 -41.12 -16.62
CA GLY C 290 -14.92 -41.98 -15.71
C GLY C 290 -13.98 -42.79 -14.84
N PRO C 291 -14.53 -43.52 -13.85
CA PRO C 291 -13.69 -44.09 -12.79
C PRO C 291 -12.56 -45.03 -13.25
N GLU C 292 -12.86 -46.06 -14.03
CA GLU C 292 -11.85 -47.05 -14.38
C GLU C 292 -10.70 -46.42 -15.18
N LYS C 293 -11.03 -45.68 -16.24
CA LYS C 293 -9.99 -45.08 -17.08
C LYS C 293 -9.28 -43.93 -16.36
N ALA C 294 -10.01 -43.18 -15.52
CA ALA C 294 -9.39 -42.11 -14.75
C ALA C 294 -8.32 -42.67 -13.82
N LYS C 295 -8.62 -43.79 -13.17
CA LYS C 295 -7.69 -44.38 -12.22
C LYS C 295 -6.40 -44.86 -12.91
N GLU C 296 -6.51 -45.31 -14.16
CA GLU C 296 -5.34 -45.72 -14.91
C GLU C 296 -4.44 -44.51 -15.20
N VAL C 297 -5.06 -43.39 -15.54
CA VAL C 297 -4.30 -42.17 -15.79
C VAL C 297 -3.68 -41.68 -14.49
N VAL C 298 -4.44 -41.74 -13.41
CA VAL C 298 -3.96 -41.30 -12.09
C VAL C 298 -2.72 -42.11 -11.69
N ARG C 299 -2.79 -43.41 -11.91
CA ARG C 299 -1.66 -44.31 -11.61
C ARG C 299 -0.44 -43.97 -12.45
N ARG C 300 -0.64 -43.94 -13.76
CA ARG C 300 0.40 -43.65 -14.74
C ARG C 300 1.12 -42.31 -14.48
N GLU C 301 0.36 -41.29 -14.12
CA GLU C 301 0.89 -39.94 -13.97
C GLU C 301 1.24 -39.58 -12.54
N GLY C 302 0.88 -40.45 -11.59
CA GLY C 302 1.16 -40.19 -10.19
C GLY C 302 0.38 -39.01 -9.65
N LEU C 303 -0.87 -38.86 -10.10
CA LEU C 303 -1.69 -37.71 -9.73
C LEU C 303 -2.28 -37.84 -8.32
N ALA C 304 -2.47 -36.70 -7.68
CA ALA C 304 -3.14 -36.63 -6.39
C ALA C 304 -4.62 -36.35 -6.62
N VAL C 305 -5.44 -37.37 -6.47
CA VAL C 305 -6.84 -37.29 -6.89
C VAL C 305 -7.78 -37.94 -5.88
N TYR C 306 -8.94 -37.33 -5.74
CA TYR C 306 -10.02 -37.81 -4.88
C TYR C 306 -11.27 -37.94 -5.74
N MET C 307 -11.89 -39.13 -5.72
CA MET C 307 -13.07 -39.39 -6.55
C MET C 307 -14.27 -39.82 -5.71
N ILE C 308 -15.44 -39.29 -6.06
CA ILE C 308 -16.69 -39.76 -5.53
C ILE C 308 -17.47 -40.44 -6.66
N THR C 309 -17.93 -41.66 -6.42
CA THR C 309 -18.74 -42.39 -7.39
C THR C 309 -20.09 -42.74 -6.79
N LYS C 310 -21.07 -42.96 -7.66
CA LYS C 310 -22.41 -43.38 -7.24
C LYS C 310 -22.57 -44.86 -7.56
N GLU C 311 -22.73 -45.68 -6.52
CA GLU C 311 -22.88 -47.12 -6.68
C GLU C 311 -24.12 -47.61 -5.95
N GLY C 312 -25.18 -47.85 -6.71
CA GLY C 312 -26.47 -48.20 -6.13
C GLY C 312 -26.98 -47.05 -5.30
N ASP C 313 -27.25 -47.31 -4.02
CA ASP C 313 -27.82 -46.31 -3.13
C ASP C 313 -26.78 -45.63 -2.25
N SER C 314 -25.51 -45.77 -2.62
CA SER C 314 -24.43 -45.23 -1.80
C SER C 314 -23.44 -44.44 -2.65
N PHE C 315 -22.82 -43.45 -2.03
CA PHE C 315 -21.67 -42.79 -2.62
C PHE C 315 -20.42 -43.47 -2.09
N LYS C 316 -19.47 -43.71 -2.97
CA LYS C 316 -18.19 -44.31 -2.59
C LYS C 316 -17.07 -43.32 -2.88
N THR C 317 -16.09 -43.28 -1.99
CA THR C 317 -14.96 -42.37 -2.14
C THR C 317 -13.67 -43.15 -2.35
N TRP C 318 -12.71 -42.48 -2.98
CA TRP C 318 -11.44 -43.10 -3.36
C TRP C 318 -10.39 -42.01 -3.46
N MET C 319 -9.21 -42.27 -2.90
CA MET C 319 -8.08 -41.35 -2.99
C MET C 319 -6.84 -42.10 -3.49
N SER C 320 -6.04 -41.43 -4.30
CA SER C 320 -4.73 -41.97 -4.66
C SER C 320 -3.79 -41.81 -3.48
N PRO C 321 -2.69 -42.56 -3.45
CA PRO C 321 -1.73 -42.41 -2.36
C PRO C 321 -1.17 -40.99 -2.29
N GLN C 322 -1.00 -40.36 -3.46
CA GLN C 322 -0.46 -39.01 -3.53
C GLN C 322 -1.42 -38.00 -2.89
N PHE C 323 -2.72 -38.23 -3.04
CA PHE C 323 -3.71 -37.35 -2.43
C PHE C 323 -3.69 -37.47 -0.92
N LYS C 324 -3.55 -38.70 -0.43
CA LYS C 324 -3.56 -38.97 1.00
C LYS C 324 -2.44 -38.22 1.72
N SER C 325 -1.35 -37.97 1.01
CA SER C 325 -0.20 -37.31 1.60
C SER C 325 -0.48 -35.84 1.89
N PHE C 326 -1.50 -35.30 1.24
CA PHE C 326 -1.88 -33.89 1.44
C PHE C 326 -2.87 -33.70 2.60
N LEU C 327 -3.42 -34.80 3.10
CA LEU C 327 -4.40 -34.73 4.19
C LEU C 327 -3.84 -34.13 5.47
N VAL C 328 -4.64 -33.28 6.12
CA VAL C 328 -4.30 -32.71 7.42
C VAL C 328 -5.10 -33.42 8.50
N SER C 329 -4.54 -33.47 9.71
CA SER C 329 -5.23 -34.02 10.87
C SER C 329 -5.54 -32.93 11.88
N THR D 13 -17.65 3.09 35.92
CA THR D 13 -17.30 4.49 36.16
C THR D 13 -18.36 5.42 35.58
N GLU D 14 -18.81 6.35 36.39
CA GLU D 14 -19.91 7.25 36.03
C GLU D 14 -19.54 8.22 34.90
N VAL D 15 -20.40 8.30 33.88
CA VAL D 15 -20.31 9.36 32.87
C VAL D 15 -21.40 10.39 33.10
N THR D 16 -20.98 11.63 33.33
CA THR D 16 -21.90 12.74 33.47
C THR D 16 -22.18 13.34 32.09
N VAL D 17 -23.46 13.53 31.78
CA VAL D 17 -23.86 14.13 30.51
C VAL D 17 -24.44 15.52 30.78
N LEU D 18 -23.77 16.52 30.22
CA LEU D 18 -24.24 17.90 30.26
C LEU D 18 -24.78 18.27 28.90
N GLU D 19 -25.89 19.01 28.87
CA GLU D 19 -26.50 19.43 27.61
C GLU D 19 -27.10 20.83 27.75
N GLY D 20 -27.17 21.54 26.64
CA GLY D 20 -27.80 22.84 26.60
C GLY D 20 -28.09 23.29 25.18
N LYS D 21 -28.48 24.55 25.04
CA LYS D 21 -28.79 25.14 23.74
C LYS D 21 -27.69 26.09 23.31
N THR D 22 -27.37 26.06 22.02
CA THR D 22 -26.50 27.05 21.42
C THR D 22 -26.67 27.05 19.90
N MET D 23 -26.55 28.22 19.30
CA MET D 23 -26.48 28.34 17.84
C MET D 23 -27.71 27.76 17.11
N GLY D 24 -28.87 27.81 17.76
CA GLY D 24 -30.09 27.33 17.15
C GLY D 24 -30.23 25.82 17.24
N THR D 25 -29.27 25.18 17.88
CA THR D 25 -29.30 23.73 18.06
C THR D 25 -28.93 23.41 19.52
N PHE D 26 -28.30 22.27 19.74
CA PHE D 26 -27.98 21.83 21.10
C PHE D 26 -26.53 21.37 21.20
N TRP D 27 -25.99 21.41 22.42
CA TRP D 27 -24.66 20.88 22.68
C TRP D 27 -24.74 19.78 23.71
N ARG D 28 -23.70 18.97 23.75
CA ARG D 28 -23.61 17.86 24.69
C ARG D 28 -22.15 17.66 25.08
N ALA D 29 -21.92 17.40 26.36
CA ALA D 29 -20.60 17.01 26.84
C ALA D 29 -20.74 15.81 27.74
N SER D 30 -20.02 14.75 27.41
CA SER D 30 -19.96 13.56 28.23
C SER D 30 -18.58 13.46 28.84
N ILE D 31 -18.51 13.43 30.16
CA ILE D 31 -17.25 13.40 30.87
C ILE D 31 -17.30 12.33 31.96
N PRO D 32 -16.34 11.39 31.94
CA PRO D 32 -16.32 10.35 32.97
C PRO D 32 -15.65 10.81 34.27
N GLY D 33 -16.20 10.37 35.39
CA GLY D 33 -15.56 10.57 36.69
C GLY D 33 -15.41 12.00 37.16
N ILE D 34 -16.43 12.82 36.96
CA ILE D 34 -16.47 14.18 37.50
C ILE D 34 -17.59 14.28 38.54
N ASP D 35 -17.38 15.06 39.60
CA ASP D 35 -18.38 15.15 40.66
C ASP D 35 -19.40 16.26 40.38
N ALA D 36 -20.37 16.41 41.28
CA ALA D 36 -21.51 17.28 41.04
C ALA D 36 -21.14 18.77 41.05
N LYS D 37 -20.29 19.18 41.98
CA LYS D 37 -19.89 20.58 42.06
C LYS D 37 -19.14 20.99 40.80
N ARG D 38 -18.21 20.14 40.37
CA ARG D 38 -17.39 20.43 39.20
C ARG D 38 -18.22 20.32 37.92
N SER D 39 -19.24 19.47 37.94
CA SER D 39 -20.15 19.35 36.80
C SER D 39 -20.94 20.63 36.58
N ALA D 40 -21.43 21.20 37.68
CA ALA D 40 -22.24 22.41 37.61
C ALA D 40 -21.39 23.59 37.12
N GLU D 41 -20.18 23.68 37.65
CA GLU D 41 -19.25 24.73 37.24
C GLU D 41 -18.90 24.60 35.78
N LEU D 42 -18.63 23.38 35.34
CA LEU D 42 -18.25 23.11 33.96
C LEU D 42 -19.37 23.47 32.99
N LYS D 43 -20.61 23.17 33.37
CA LYS D 43 -21.74 23.50 32.52
C LYS D 43 -21.85 25.02 32.36
N GLU D 44 -21.61 25.75 33.44
CA GLU D 44 -21.59 27.21 33.37
C GLU D 44 -20.50 27.69 32.43
N LYS D 45 -19.33 27.08 32.54
CA LYS D 45 -18.18 27.49 31.74
C LYS D 45 -18.41 27.18 30.26
N ILE D 46 -18.98 26.01 30.00
CA ILE D 46 -19.28 25.59 28.63
C ILE D 46 -20.32 26.53 28.00
N GLN D 47 -21.38 26.82 28.73
CA GLN D 47 -22.44 27.66 28.19
C GLN D 47 -21.92 29.07 27.92
N THR D 48 -21.13 29.58 28.86
CA THR D 48 -20.53 30.91 28.72
C THR D 48 -19.69 30.99 27.45
N GLN D 49 -18.87 29.97 27.22
CA GLN D 49 -17.99 29.98 26.05
C GLN D 49 -18.78 29.84 24.75
N LEU D 50 -19.80 28.97 24.77
CA LEU D 50 -20.62 28.79 23.58
C LEU D 50 -21.42 30.04 23.28
N ASP D 51 -21.88 30.71 24.34
CA ASP D 51 -22.57 31.99 24.18
C ASP D 51 -21.67 33.00 23.48
N ALA D 52 -20.39 33.02 23.86
CA ALA D 52 -19.43 33.93 23.26
C ALA D 52 -19.16 33.58 21.79
N ASP D 53 -19.04 32.29 21.50
CA ASP D 53 -18.85 31.86 20.11
C ASP D 53 -20.06 32.20 19.26
N ASP D 54 -21.25 32.10 19.84
CA ASP D 54 -22.48 32.48 19.16
C ASP D 54 -22.46 33.99 18.87
N GLN D 55 -22.04 34.75 19.87
CA GLN D 55 -21.96 36.20 19.75
C GLN D 55 -20.86 36.60 18.74
N LEU D 56 -19.90 35.71 18.53
CA LEU D 56 -18.86 35.96 17.54
C LEU D 56 -19.38 35.75 16.12
N LEU D 57 -20.14 34.68 15.92
CA LEU D 57 -20.38 34.13 14.58
C LEU D 57 -21.79 34.30 14.02
N SER D 58 -22.79 34.50 14.87
CA SER D 58 -24.19 34.41 14.45
C SER D 58 -24.62 35.51 13.48
N THR D 59 -25.35 35.13 12.43
CA THR D 59 -25.98 36.10 11.53
C THR D 59 -27.32 36.55 12.09
N TYR D 60 -27.83 35.83 13.08
CA TYR D 60 -29.12 36.15 13.69
C TYR D 60 -28.99 37.25 14.75
N LYS D 61 -27.81 37.33 15.35
CA LYS D 61 -27.52 38.40 16.31
C LYS D 61 -26.91 39.57 15.55
N LYS D 62 -27.67 40.66 15.46
CA LYS D 62 -27.32 41.74 14.54
C LYS D 62 -26.17 42.62 15.04
N ASP D 63 -25.69 42.34 16.25
CA ASP D 63 -24.46 42.99 16.74
C ASP D 63 -23.38 41.95 17.03
N SER D 64 -23.48 40.78 16.40
CA SER D 64 -22.40 39.81 16.44
C SER D 64 -21.18 40.39 15.75
N ALA D 65 -20.00 39.85 16.05
CA ALA D 65 -18.79 40.33 15.39
C ALA D 65 -18.93 40.17 13.88
N LEU D 66 -19.49 39.06 13.44
CA LEU D 66 -19.65 38.80 12.02
C LEU D 66 -20.62 39.80 11.37
N MET D 67 -21.74 40.06 12.04
CA MET D 67 -22.72 40.98 11.46
C MET D 67 -22.24 42.42 11.46
N ARG D 68 -21.36 42.79 12.40
CA ARG D 68 -20.78 44.12 12.37
C ARG D 68 -19.94 44.29 11.11
N PHE D 69 -19.23 43.23 10.72
CA PHE D 69 -18.46 43.23 9.49
C PHE D 69 -19.41 43.29 8.28
N ASN D 70 -20.45 42.48 8.30
CA ASN D 70 -21.39 42.41 7.18
C ASN D 70 -22.09 43.74 6.92
N ASP D 71 -22.45 44.44 8.00
CA ASP D 71 -23.19 45.70 7.87
C ASP D 71 -22.28 46.90 7.67
N SER D 72 -20.97 46.70 7.79
CA SER D 72 -20.02 47.74 7.45
C SER D 72 -19.90 47.85 5.94
N GLN D 73 -19.74 49.08 5.44
CA GLN D 73 -19.52 49.32 4.02
C GLN D 73 -18.03 49.38 3.71
N SER D 74 -17.21 49.23 4.74
CA SER D 74 -15.77 49.40 4.61
C SER D 74 -15.14 48.38 3.66
N LEU D 75 -14.23 48.86 2.82
CA LEU D 75 -13.45 47.99 1.92
C LEU D 75 -12.01 47.88 2.39
N SER D 76 -11.73 48.43 3.58
CA SER D 76 -10.41 48.38 4.18
C SER D 76 -10.36 47.27 5.24
N PRO D 77 -9.15 46.92 5.71
CA PRO D 77 -9.06 45.81 6.67
C PRO D 77 -9.85 46.05 7.96
N TRP D 78 -10.57 45.01 8.38
CA TRP D 78 -11.49 45.06 9.51
C TRP D 78 -10.99 44.12 10.61
N PRO D 79 -10.55 44.67 11.76
CA PRO D 79 -10.00 43.79 12.80
C PRO D 79 -10.97 42.72 13.27
N VAL D 80 -10.46 41.50 13.36
CA VAL D 80 -11.22 40.38 13.88
C VAL D 80 -10.33 39.55 14.78
N SER D 81 -10.93 38.60 15.50
CA SER D 81 -10.18 37.72 16.40
C SER D 81 -9.38 36.69 15.61
N GLU D 82 -8.44 36.05 16.28
CA GLU D 82 -7.66 34.97 15.67
C GLU D 82 -8.58 33.86 15.19
N ALA D 83 -9.57 33.50 16.01
CA ALA D 83 -10.53 32.47 15.65
C ALA D 83 -11.29 32.83 14.38
N MET D 84 -11.80 34.06 14.31
CA MET D 84 -12.52 34.51 13.12
C MET D 84 -11.63 34.41 11.88
N ALA D 85 -10.40 34.90 11.99
CA ALA D 85 -9.48 34.86 10.86
C ALA D 85 -9.25 33.43 10.39
N ASP D 86 -9.04 32.54 11.34
CA ASP D 86 -8.72 31.15 11.02
C ASP D 86 -9.92 30.38 10.49
N ILE D 87 -11.12 30.65 11.02
CA ILE D 87 -12.33 30.02 10.49
C ILE D 87 -12.52 30.40 9.03
N VAL D 88 -12.35 31.68 8.72
CA VAL D 88 -12.54 32.17 7.36
C VAL D 88 -11.46 31.62 6.42
N THR D 89 -10.21 31.62 6.87
CA THR D 89 -9.12 31.06 6.06
C THR D 89 -9.42 29.61 5.68
N THR D 90 -9.77 28.80 6.68
CA THR D 90 -10.11 27.40 6.46
C THR D 90 -11.27 27.25 5.48
N SER D 91 -12.29 28.07 5.67
CA SER D 91 -13.48 28.06 4.82
C SER D 91 -13.20 28.43 3.38
N LEU D 92 -12.39 29.46 3.16
CA LEU D 92 -12.06 29.91 1.80
C LEU D 92 -11.28 28.84 1.05
N ARG D 93 -10.30 28.24 1.72
CA ARG D 93 -9.46 27.23 1.10
C ARG D 93 -10.25 25.98 0.73
N ILE D 94 -11.10 25.51 1.64
CA ILE D 94 -11.91 24.33 1.36
C ILE D 94 -12.97 24.67 0.30
N GLY D 95 -13.39 25.93 0.27
CA GLY D 95 -14.18 26.43 -0.83
C GLY D 95 -13.47 26.20 -2.16
N ALA D 96 -12.19 26.59 -2.23
CA ALA D 96 -11.40 26.42 -3.44
C ALA D 96 -11.23 24.95 -3.80
N LYS D 97 -11.04 24.11 -2.78
CA LYS D 97 -10.76 22.70 -2.99
C LYS D 97 -12.01 21.90 -3.39
N THR D 98 -13.17 22.50 -3.21
CA THR D 98 -14.43 21.90 -3.65
C THR D 98 -15.00 22.66 -4.84
N ASP D 99 -14.12 23.37 -5.54
CA ASP D 99 -14.49 24.05 -6.79
C ASP D 99 -15.63 25.06 -6.54
N GLY D 100 -15.60 25.67 -5.36
CA GLY D 100 -16.56 26.72 -5.03
C GLY D 100 -17.86 26.23 -4.43
N ALA D 101 -17.97 24.92 -4.22
CA ALA D 101 -19.21 24.32 -3.73
C ALA D 101 -19.47 24.73 -2.28
N MET D 102 -18.39 24.89 -1.53
CA MET D 102 -18.46 25.38 -0.15
C MET D 102 -18.17 26.88 -0.18
N ASP D 103 -19.23 27.68 -0.03
CA ASP D 103 -19.14 29.11 -0.24
C ASP D 103 -19.82 29.88 0.87
N ILE D 104 -19.02 30.50 1.74
CA ILE D 104 -19.54 31.22 2.89
C ILE D 104 -20.12 32.59 2.51
N THR D 105 -20.13 32.91 1.22
CA THR D 105 -20.70 34.16 0.73
C THR D 105 -22.02 33.95 -0.01
N VAL D 106 -22.56 32.74 0.06
CA VAL D 106 -23.74 32.36 -0.73
C VAL D 106 -25.06 32.90 -0.15
N GLY D 107 -25.00 33.44 1.07
CA GLY D 107 -26.18 33.87 1.80
C GLY D 107 -27.25 34.64 1.03
N PRO D 108 -26.85 35.64 0.23
CA PRO D 108 -27.85 36.41 -0.51
C PRO D 108 -28.67 35.59 -1.50
N LEU D 109 -28.07 34.53 -2.05
CA LEU D 109 -28.79 33.66 -2.96
C LEU D 109 -29.77 32.77 -2.19
N VAL D 110 -29.34 32.30 -1.02
CA VAL D 110 -30.19 31.49 -0.15
C VAL D 110 -31.41 32.30 0.26
N ASN D 111 -31.19 33.56 0.60
CA ASN D 111 -32.28 34.44 1.03
C ASN D 111 -33.18 34.87 -0.13
N LEU D 112 -32.62 34.94 -1.34
CA LEU D 112 -33.41 35.23 -2.52
C LEU D 112 -34.48 34.16 -2.71
N TRP D 113 -34.09 32.92 -2.43
CA TRP D 113 -34.98 31.77 -2.59
C TRP D 113 -35.94 31.63 -1.40
N GLY D 114 -35.59 32.25 -0.28
CA GLY D 114 -36.39 32.15 0.92
C GLY D 114 -36.13 30.86 1.66
N PHE D 115 -34.93 30.30 1.45
CA PHE D 115 -34.57 29.01 2.03
C PHE D 115 -33.76 29.18 3.31
N GLY D 116 -33.65 30.41 3.81
CA GLY D 116 -33.11 30.64 5.14
C GLY D 116 -33.99 29.90 6.13
N PRO D 117 -33.39 29.30 7.17
CA PRO D 117 -34.17 28.37 8.00
C PRO D 117 -35.25 29.03 8.87
N GLU D 118 -35.22 30.35 9.03
CA GLU D 118 -36.21 31.05 9.87
C GLU D 118 -37.16 31.92 9.07
N GLN D 119 -36.80 32.23 7.82
CA GLN D 119 -37.68 33.01 6.96
C GLN D 119 -38.73 32.11 6.33
N GLN D 120 -39.74 32.73 5.72
CA GLN D 120 -40.90 32.01 5.20
C GLN D 120 -41.11 32.35 3.71
N PRO D 121 -41.91 31.54 2.99
CA PRO D 121 -41.98 31.51 1.52
C PRO D 121 -41.97 32.85 0.78
N VAL D 122 -41.17 32.88 -0.31
CA VAL D 122 -41.14 34.00 -1.24
C VAL D 122 -41.28 33.48 -2.67
N GLN D 123 -41.57 34.37 -3.61
CA GLN D 123 -41.75 33.98 -5.01
C GLN D 123 -40.47 33.34 -5.57
N ILE D 124 -40.65 32.46 -6.55
CA ILE D 124 -39.52 31.85 -7.24
C ILE D 124 -38.79 32.91 -8.04
N PRO D 125 -37.47 33.04 -7.83
CA PRO D 125 -36.75 34.07 -8.60
C PRO D 125 -36.49 33.63 -10.04
N SER D 126 -36.51 34.61 -10.95
CA SER D 126 -36.14 34.37 -12.34
C SER D 126 -34.64 34.15 -12.43
N GLN D 127 -34.20 33.57 -13.54
CA GLN D 127 -32.77 33.36 -13.76
C GLN D 127 -32.02 34.69 -13.83
N GLU D 128 -32.69 35.71 -14.40
CA GLU D 128 -32.07 37.02 -14.54
C GLU D 128 -31.78 37.62 -13.17
N GLN D 129 -32.72 37.42 -12.25
CA GLN D 129 -32.54 37.90 -10.88
C GLN D 129 -31.46 37.12 -10.14
N ILE D 130 -31.47 35.79 -10.32
CA ILE D 130 -30.44 34.95 -9.73
C ILE D 130 -29.05 35.39 -10.20
N ASP D 131 -28.90 35.60 -11.49
CA ASP D 131 -27.61 35.97 -12.06
C ASP D 131 -27.14 37.32 -11.52
N ALA D 132 -28.06 38.26 -11.39
CA ALA D 132 -27.75 39.58 -10.85
C ALA D 132 -27.29 39.47 -9.39
N MET D 133 -27.95 38.60 -8.64
CA MET D 133 -27.60 38.40 -7.23
C MET D 133 -26.26 37.68 -7.07
N LYS D 134 -25.94 36.80 -8.01
CA LYS D 134 -24.67 36.08 -7.98
C LYS D 134 -23.51 37.07 -8.03
N ALA D 135 -23.77 38.27 -8.56
CA ALA D 135 -22.75 39.30 -8.65
C ALA D 135 -22.34 39.81 -7.27
N LYS D 136 -23.17 39.54 -6.26
CA LYS D 136 -22.89 39.97 -4.89
C LYS D 136 -22.29 38.85 -4.03
N THR D 137 -21.91 37.75 -4.67
CA THR D 137 -21.33 36.61 -3.96
C THR D 137 -20.06 36.17 -4.66
N GLY D 138 -19.25 35.37 -3.97
CA GLY D 138 -18.05 34.79 -4.55
C GLY D 138 -16.89 34.78 -3.58
N LEU D 139 -16.20 33.64 -3.54
CA LEU D 139 -15.08 33.45 -2.63
C LEU D 139 -13.95 34.43 -2.86
N GLN D 140 -13.82 34.93 -4.08
CA GLN D 140 -12.70 35.79 -4.45
C GLN D 140 -12.78 37.17 -3.78
N HIS D 141 -13.94 37.51 -3.22
CA HIS D 141 -14.17 38.84 -2.70
C HIS D 141 -13.68 39.04 -1.28
N LEU D 142 -13.15 37.98 -0.66
CA LEU D 142 -12.81 38.02 0.76
C LEU D 142 -11.35 37.66 1.00
N THR D 143 -10.71 38.41 1.87
CA THR D 143 -9.29 38.25 2.20
C THR D 143 -9.10 38.22 3.71
N VAL D 144 -8.16 37.39 4.17
CA VAL D 144 -7.76 37.37 5.57
C VAL D 144 -6.33 37.85 5.67
N ILE D 145 -6.09 38.82 6.57
CA ILE D 145 -4.77 39.39 6.77
C ILE D 145 -4.31 39.13 8.19
N ASN D 146 -3.16 38.47 8.33
CA ASN D 146 -2.60 38.14 9.63
C ASN D 146 -1.29 38.88 9.87
N GLN D 147 -1.20 39.52 11.03
CA GLN D 147 0.04 40.15 11.49
C GLN D 147 0.30 39.68 12.90
N SER D 148 1.44 40.07 13.48
CA SER D 148 1.81 39.60 14.81
C SER D 148 0.82 40.04 15.89
N HIS D 149 0.33 41.28 15.79
CA HIS D 149 -0.46 41.87 16.87
C HIS D 149 -1.93 42.13 16.49
N GLN D 150 -2.33 41.72 15.31
CA GLN D 150 -3.72 41.89 14.87
C GLN D 150 -3.97 41.07 13.61
N GLN D 151 -5.24 40.79 13.35
CA GLN D 151 -5.63 40.17 12.09
C GLN D 151 -6.96 40.75 11.63
N TYR D 152 -7.25 40.60 10.35
CA TYR D 152 -8.30 41.36 9.70
C TYR D 152 -9.05 40.54 8.66
N LEU D 153 -10.30 40.90 8.44
CA LEU D 153 -11.00 40.54 7.21
C LEU D 153 -11.03 41.75 6.29
N GLN D 154 -11.06 41.51 4.99
CA GLN D 154 -11.21 42.57 4.02
C GLN D 154 -12.05 42.09 2.84
N LYS D 155 -13.10 42.85 2.53
CA LYS D 155 -13.98 42.54 1.43
C LYS D 155 -13.85 43.63 0.36
N ASP D 156 -13.99 43.25 -0.91
CA ASP D 156 -13.87 44.22 -2.00
C ASP D 156 -15.23 44.52 -2.65
N LEU D 157 -16.28 43.99 -2.03
CA LEU D 157 -17.66 44.40 -2.30
C LEU D 157 -18.28 44.84 -0.98
N PRO D 158 -18.83 46.07 -0.91
CA PRO D 158 -19.38 46.45 0.39
C PRO D 158 -20.56 45.61 0.84
N ASP D 159 -21.32 45.08 -0.12
CA ASP D 159 -22.53 44.33 0.20
C ASP D 159 -22.30 42.82 0.16
N LEU D 160 -21.02 42.41 0.19
CA LEU D 160 -20.70 41.01 0.41
C LEU D 160 -21.30 40.61 1.74
N TYR D 161 -21.84 39.40 1.82
CA TYR D 161 -22.47 38.91 3.03
C TYR D 161 -21.88 37.56 3.40
N VAL D 162 -21.26 37.51 4.57
CA VAL D 162 -20.58 36.30 5.03
C VAL D 162 -21.44 35.62 6.09
N ASP D 163 -21.58 34.31 5.92
CA ASP D 163 -22.38 33.45 6.80
C ASP D 163 -21.51 32.26 7.15
N LEU D 164 -21.33 32.00 8.45
CA LEU D 164 -20.44 30.93 8.90
C LEU D 164 -21.19 29.79 9.59
N SER D 165 -22.50 29.71 9.34
CA SER D 165 -23.32 28.67 9.96
C SER D 165 -22.92 27.26 9.51
N THR D 166 -22.27 27.15 8.35
CA THR D 166 -21.88 25.83 7.84
C THR D 166 -20.57 25.33 8.44
N VAL D 167 -19.90 26.17 9.24
CA VAL D 167 -18.64 25.78 9.88
C VAL D 167 -18.60 26.11 11.37
N GLY D 168 -19.57 26.88 11.85
CA GLY D 168 -19.54 27.36 13.22
C GLY D 168 -19.63 26.27 14.28
N LYS D 169 -20.37 25.20 13.99
CA LYS D 169 -20.53 24.14 14.97
C LYS D 169 -19.25 23.33 15.11
N GLY D 170 -18.56 23.12 14.00
CA GLY D 170 -17.27 22.45 14.03
C GLY D 170 -16.27 23.26 14.83
N TYR D 171 -16.22 24.57 14.59
CA TYR D 171 -15.35 25.44 15.37
C TYR D 171 -15.67 25.36 16.86
N ALA D 172 -16.96 25.49 17.18
CA ALA D 172 -17.40 25.49 18.58
C ALA D 172 -16.99 24.20 19.28
N ALA D 173 -17.11 23.07 18.58
CA ALA D 173 -16.74 21.78 19.16
C ALA D 173 -15.23 21.68 19.40
N ASP D 174 -14.44 22.20 18.47
CA ASP D 174 -12.99 22.25 18.66
C ASP D 174 -12.64 23.16 19.83
N HIS D 175 -13.34 24.28 19.92
CA HIS D 175 -13.08 25.24 20.99
C HIS D 175 -13.46 24.63 22.35
N LEU D 176 -14.47 23.77 22.38
CA LEU D 176 -14.82 23.07 23.61
C LEU D 176 -13.70 22.15 24.05
N ALA D 177 -13.00 21.56 23.08
CA ALA D 177 -11.85 20.72 23.40
C ALA D 177 -10.77 21.54 24.10
N ARG D 178 -10.57 22.77 23.64
CA ARG D 178 -9.62 23.67 24.28
C ARG D 178 -10.05 23.95 25.72
N LEU D 179 -11.35 24.14 25.92
CA LEU D 179 -11.87 24.41 27.25
C LEU D 179 -11.64 23.22 28.19
N MET D 180 -11.89 22.01 27.68
CA MET D 180 -11.64 20.80 28.45
C MET D 180 -10.20 20.77 28.96
N GLU D 181 -9.25 21.09 28.09
CA GLU D 181 -7.83 21.12 28.45
C GLU D 181 -7.55 22.13 29.56
N GLN D 182 -8.20 23.29 29.47
CA GLN D 182 -8.02 24.34 30.44
C GLN D 182 -8.58 23.93 31.79
N GLU D 183 -9.59 23.07 31.75
CA GLU D 183 -10.25 22.61 32.97
C GLU D 183 -9.70 21.27 33.44
N GLY D 184 -8.63 20.82 32.79
CA GLY D 184 -7.93 19.62 33.22
C GLY D 184 -8.71 18.34 32.98
N ILE D 185 -9.49 18.34 31.90
CA ILE D 185 -10.30 17.18 31.53
C ILE D 185 -9.69 16.52 30.29
N SER D 186 -9.24 15.28 30.47
CA SER D 186 -8.47 14.58 29.44
C SER D 186 -9.32 13.58 28.66
N ARG D 187 -10.47 13.20 29.24
CA ARG D 187 -11.39 12.27 28.60
C ARG D 187 -12.76 12.91 28.42
N TYR D 188 -13.25 12.93 27.18
CA TYR D 188 -14.51 13.60 26.88
C TYR D 188 -15.06 13.29 25.50
N LEU D 189 -16.37 13.47 25.38
CA LEU D 189 -17.04 13.53 24.09
C LEU D 189 -17.84 14.82 24.09
N VAL D 190 -17.45 15.76 23.24
CA VAL D 190 -18.15 17.03 23.15
C VAL D 190 -18.74 17.20 21.78
N SER D 191 -19.93 17.80 21.73
CA SER D 191 -20.60 18.01 20.46
C SER D 191 -21.42 19.27 20.45
N VAL D 192 -21.49 19.86 19.26
CA VAL D 192 -22.36 21.00 18.99
C VAL D 192 -23.12 20.63 17.73
N GLY D 193 -24.42 20.39 17.88
CA GLY D 193 -25.18 19.79 16.80
C GLY D 193 -24.52 18.49 16.39
N GLY D 194 -24.34 18.30 15.09
CA GLY D 194 -23.76 17.08 14.57
C GLY D 194 -22.24 17.07 14.51
N ALA D 195 -21.60 18.12 15.03
CA ALA D 195 -20.14 18.18 15.09
C ALA D 195 -19.64 17.69 16.43
N LEU D 196 -18.74 16.71 16.43
CA LEU D 196 -18.24 16.10 17.67
C LEU D 196 -16.73 15.98 17.69
N ASN D 197 -16.16 16.03 18.89
CA ASN D 197 -14.77 15.63 19.13
C ASN D 197 -14.72 14.56 20.21
N SER D 198 -13.89 13.53 19.99
CA SER D 198 -13.77 12.40 20.91
C SER D 198 -12.35 12.27 21.42
N ARG D 199 -12.19 12.06 22.72
CA ARG D 199 -10.88 11.82 23.32
C ARG D 199 -10.98 10.90 24.53
N GLY D 200 -10.19 9.84 24.52
CA GLY D 200 -10.06 8.98 25.68
C GLY D 200 -11.13 7.92 25.79
N MET D 201 -11.13 7.21 26.91
CA MET D 201 -12.05 6.11 27.14
C MET D 201 -13.30 6.59 27.87
N ASN D 202 -14.42 5.91 27.62
CA ASN D 202 -15.66 6.20 28.32
C ASN D 202 -15.66 5.58 29.71
N GLY D 203 -16.83 5.55 30.34
CA GLY D 203 -16.94 5.03 31.69
C GLY D 203 -16.64 3.54 31.80
N GLU D 204 -16.73 2.81 30.70
CA GLU D 204 -16.45 1.37 30.69
C GLU D 204 -15.02 1.08 30.25
N GLY D 205 -14.23 2.13 30.04
CA GLY D 205 -12.85 1.97 29.64
C GLY D 205 -12.70 1.67 28.16
N LEU D 206 -13.74 1.97 27.39
CA LEU D 206 -13.73 1.77 25.95
C LEU D 206 -13.86 3.11 25.22
N PRO D 207 -13.46 3.15 23.94
CA PRO D 207 -13.61 4.40 23.18
C PRO D 207 -15.06 4.85 23.09
N TRP D 208 -15.30 6.15 23.14
CA TRP D 208 -16.64 6.69 23.02
C TRP D 208 -17.32 6.17 21.76
N ARG D 209 -18.53 5.65 21.91
CA ARG D 209 -19.28 5.15 20.78
C ARG D 209 -19.94 6.30 20.03
N VAL D 210 -19.63 6.40 18.74
CA VAL D 210 -20.21 7.43 17.89
C VAL D 210 -21.02 6.76 16.78
N ALA D 211 -22.32 6.95 16.84
CA ALA D 211 -23.23 6.40 15.84
C ALA D 211 -23.25 7.30 14.62
N ILE D 212 -23.30 6.70 13.44
CA ILE D 212 -23.35 7.46 12.19
C ILE D 212 -24.74 7.30 11.59
N GLN D 213 -25.11 8.22 10.70
CA GLN D 213 -26.49 8.31 10.21
C GLN D 213 -27.00 6.99 9.62
N LYS D 214 -28.26 6.69 9.92
CA LYS D 214 -28.91 5.49 9.40
C LYS D 214 -29.36 5.68 7.96
N PRO D 215 -29.13 4.68 7.10
CA PRO D 215 -29.61 4.75 5.72
C PRO D 215 -31.07 4.31 5.57
N ALA D 224 -24.42 1.79 12.29
CA ALA D 224 -23.00 1.54 12.43
C ALA D 224 -22.38 2.45 13.48
N VAL D 225 -21.21 2.07 13.96
CA VAL D 225 -20.50 2.83 14.99
C VAL D 225 -19.03 3.02 14.60
N VAL D 226 -18.51 4.22 14.88
CA VAL D 226 -17.11 4.50 14.65
C VAL D 226 -16.40 4.87 15.95
N ASP D 227 -15.09 4.66 15.97
CA ASP D 227 -14.23 5.12 17.04
C ASP D 227 -13.35 6.23 16.48
N ILE D 228 -13.62 7.45 16.90
CA ILE D 228 -12.91 8.64 16.39
C ILE D 228 -12.04 9.27 17.49
N ASN D 229 -11.53 8.42 18.36
CA ASN D 229 -10.60 8.85 19.40
C ASN D 229 -9.48 9.73 18.83
N GLY D 230 -9.39 10.97 19.32
CA GLY D 230 -8.38 11.90 18.86
C GLY D 230 -8.77 12.64 17.59
N HIS D 231 -10.00 12.45 17.13
CA HIS D 231 -10.47 13.06 15.89
C HIS D 231 -11.82 13.74 16.10
N GLY D 232 -12.27 14.42 15.05
CA GLY D 232 -13.59 15.04 15.04
C GLY D 232 -14.41 14.52 13.87
N ILE D 233 -15.70 14.84 13.88
CA ILE D 233 -16.61 14.34 12.89
C ILE D 233 -17.73 15.36 12.69
N SER D 234 -18.27 15.44 11.49
CA SER D 234 -19.41 16.32 11.23
C SER D 234 -20.26 15.74 10.11
N THR D 235 -21.53 16.15 10.09
CA THR D 235 -22.46 15.68 9.08
C THR D 235 -23.24 16.85 8.50
N SER D 236 -23.47 16.79 7.19
CA SER D 236 -24.30 17.74 6.48
C SER D 236 -25.24 16.96 5.56
N GLY D 237 -26.42 17.51 5.29
CA GLY D 237 -27.38 16.78 4.46
C GLY D 237 -28.38 17.67 3.73
N SER D 238 -29.19 17.01 2.90
CA SER D 238 -30.30 17.65 2.19
C SER D 238 -31.54 16.82 2.46
N TYR D 239 -32.45 17.35 3.26
CA TYR D 239 -33.49 16.53 3.87
C TYR D 239 -34.92 16.76 3.35
N ARG D 240 -35.11 17.77 2.52
CA ARG D 240 -36.47 18.12 2.08
C ARG D 240 -37.14 17.04 1.24
N ASN D 241 -36.38 16.05 0.78
CA ASN D 241 -36.95 14.87 0.14
C ASN D 241 -36.70 13.64 1.01
N LYS D 248 -40.37 15.08 -4.61
CA LYS D 248 -41.64 15.80 -4.60
C LYS D 248 -41.42 17.30 -4.46
N ARG D 249 -40.28 17.68 -3.89
CA ARG D 249 -39.95 19.07 -3.63
C ARG D 249 -38.53 19.38 -4.09
N LEU D 250 -38.20 20.67 -4.11
CA LEU D 250 -36.82 21.09 -4.36
C LEU D 250 -35.98 20.92 -3.11
N SER D 251 -34.69 20.63 -3.31
CA SER D 251 -33.73 20.74 -2.22
C SER D 251 -33.64 22.21 -1.82
N HIS D 252 -33.42 22.47 -0.54
CA HIS D 252 -33.19 23.85 -0.09
C HIS D 252 -31.71 24.16 -0.02
N VAL D 253 -30.88 23.23 -0.48
CA VAL D 253 -29.46 23.48 -0.63
C VAL D 253 -29.22 24.12 -1.99
N ILE D 254 -28.69 25.34 -1.97
CA ILE D 254 -28.40 26.09 -3.18
C ILE D 254 -26.96 25.86 -3.63
N ASP D 255 -26.79 25.50 -4.89
CA ASP D 255 -25.48 25.39 -5.50
C ASP D 255 -24.94 26.81 -5.72
N PRO D 256 -23.81 27.16 -5.07
CA PRO D 256 -23.31 28.54 -5.16
C PRO D 256 -22.98 29.01 -6.57
N GLN D 257 -22.72 28.07 -7.49
CA GLN D 257 -22.30 28.41 -8.84
C GLN D 257 -23.48 28.63 -9.79
N THR D 258 -24.58 27.91 -9.55
CA THR D 258 -25.77 28.04 -10.38
C THR D 258 -26.77 29.01 -9.77
N GLY D 259 -26.76 29.13 -8.45
CA GLY D 259 -27.74 29.94 -7.75
C GLY D 259 -29.09 29.24 -7.72
N ARG D 260 -29.08 27.95 -8.02
CA ARG D 260 -30.29 27.13 -8.05
C ARG D 260 -30.13 25.95 -7.08
N PRO D 261 -31.24 25.31 -6.71
CA PRO D 261 -31.16 24.10 -5.88
C PRO D 261 -30.29 23.02 -6.50
N ILE D 262 -29.61 22.23 -5.66
CA ILE D 262 -28.88 21.07 -6.14
C ILE D 262 -29.88 20.08 -6.74
N GLU D 263 -29.41 19.26 -7.69
CA GLU D 263 -30.30 18.39 -8.45
C GLU D 263 -29.95 16.92 -8.26
N HIS D 264 -28.80 16.65 -7.66
CA HIS D 264 -28.30 15.29 -7.52
C HIS D 264 -28.95 14.58 -6.34
N ASN D 265 -28.59 13.30 -6.14
CA ASN D 265 -29.28 12.45 -5.17
C ASN D 265 -28.49 12.17 -3.90
N LEU D 266 -27.44 12.94 -3.66
CA LEU D 266 -26.67 12.84 -2.42
C LEU D 266 -27.42 13.58 -1.32
N VAL D 267 -27.81 12.85 -0.27
CA VAL D 267 -28.65 13.43 0.79
C VAL D 267 -27.95 13.55 2.14
N SER D 268 -26.81 12.88 2.30
CA SER D 268 -26.06 12.98 3.56
C SER D 268 -24.59 12.73 3.36
N VAL D 269 -23.77 13.56 4.00
CA VAL D 269 -22.32 13.39 3.99
C VAL D 269 -21.79 13.51 5.42
N THR D 270 -21.02 12.52 5.84
CA THR D 270 -20.34 12.54 7.13
C THR D 270 -18.83 12.52 6.90
N VAL D 271 -18.12 13.43 7.54
CA VAL D 271 -16.67 13.54 7.39
C VAL D 271 -15.97 13.37 8.74
N ILE D 272 -14.95 12.52 8.77
CA ILE D 272 -14.07 12.40 9.93
C ILE D 272 -12.74 13.08 9.57
N ALA D 273 -12.26 13.94 10.46
CA ALA D 273 -11.04 14.69 10.22
C ALA D 273 -10.32 14.92 11.55
N PRO D 274 -9.08 15.42 11.50
CA PRO D 274 -8.36 15.68 12.76
C PRO D 274 -9.08 16.69 13.65
N THR D 275 -9.76 17.66 13.04
CA THR D 275 -10.56 18.64 13.78
C THR D 275 -12.00 18.66 13.26
N ALA D 276 -12.93 19.02 14.15
CA ALA D 276 -14.34 19.10 13.75
C ALA D 276 -14.58 20.28 12.82
N LEU D 277 -13.77 21.33 12.93
CA LEU D 277 -13.86 22.47 12.03
C LEU D 277 -13.62 22.04 10.58
N GLU D 278 -12.53 21.30 10.34
CA GLU D 278 -12.25 20.77 9.01
C GLU D 278 -13.39 19.91 8.51
N ALA D 279 -13.86 19.02 9.37
CA ALA D 279 -14.93 18.09 9.01
C ALA D 279 -16.16 18.85 8.58
N ASP D 280 -16.50 19.87 9.35
CA ASP D 280 -17.70 20.66 9.11
C ASP D 280 -17.58 21.46 7.80
N ALA D 281 -16.38 21.92 7.49
CA ALA D 281 -16.17 22.65 6.24
C ALA D 281 -16.34 21.71 5.04
N TRP D 282 -15.72 20.54 5.11
CA TRP D 282 -15.81 19.58 4.00
C TRP D 282 -17.23 19.06 3.76
N ASP D 283 -17.94 18.72 4.82
CA ASP D 283 -19.20 17.98 4.64
C ASP D 283 -20.20 18.81 3.83
N THR D 284 -20.16 20.12 4.00
CA THR D 284 -21.03 21.02 3.27
C THR D 284 -20.66 21.09 1.79
N GLY D 285 -19.37 21.29 1.50
CA GLY D 285 -18.90 21.34 0.13
C GLY D 285 -19.17 20.06 -0.64
N LEU D 286 -18.97 18.94 0.03
CA LEU D 286 -19.15 17.64 -0.61
C LEU D 286 -20.62 17.38 -0.89
N MET D 287 -21.48 17.75 0.05
CA MET D 287 -22.93 17.69 -0.16
C MET D 287 -23.37 18.44 -1.42
N VAL D 288 -22.86 19.66 -1.59
CA VAL D 288 -23.24 20.48 -2.72
C VAL D 288 -22.74 19.87 -4.04
N LEU D 289 -21.54 19.30 -4.01
CA LEU D 289 -20.93 18.74 -5.22
C LEU D 289 -21.69 17.55 -5.81
N GLY D 290 -22.25 16.72 -4.93
CA GLY D 290 -22.94 15.53 -5.37
C GLY D 290 -21.98 14.35 -5.46
N PRO D 291 -22.51 13.14 -5.67
CA PRO D 291 -21.73 11.90 -5.54
C PRO D 291 -20.46 11.83 -6.38
N GLU D 292 -20.58 12.00 -7.70
CA GLU D 292 -19.44 11.79 -8.58
C GLU D 292 -18.31 12.78 -8.31
N LYS D 293 -18.64 14.06 -8.23
CA LYS D 293 -17.64 15.09 -7.99
C LYS D 293 -17.09 15.02 -6.57
N ALA D 294 -17.94 14.71 -5.61
CA ALA D 294 -17.49 14.60 -4.22
C ALA D 294 -16.47 13.47 -4.10
N LYS D 295 -16.75 12.33 -4.72
CA LYS D 295 -15.85 11.18 -4.64
C LYS D 295 -14.49 11.53 -5.23
N GLU D 296 -14.46 12.35 -6.28
CA GLU D 296 -13.19 12.80 -6.87
C GLU D 296 -12.39 13.62 -5.86
N VAL D 297 -13.05 14.57 -5.21
CA VAL D 297 -12.40 15.38 -4.19
C VAL D 297 -11.93 14.51 -3.03
N VAL D 298 -12.79 13.57 -2.64
CA VAL D 298 -12.48 12.70 -1.51
C VAL D 298 -11.25 11.85 -1.81
N ARG D 299 -11.16 11.34 -3.03
CA ARG D 299 -9.99 10.56 -3.43
C ARG D 299 -8.73 11.41 -3.43
N ARG D 300 -8.82 12.60 -4.05
CA ARG D 300 -7.64 13.45 -4.21
C ARG D 300 -7.09 13.95 -2.88
N GLU D 301 -7.99 14.28 -1.96
CA GLU D 301 -7.62 14.87 -0.69
C GLU D 301 -7.45 13.82 0.42
N GLY D 302 -7.72 12.56 0.10
CA GLY D 302 -7.56 11.48 1.06
C GLY D 302 -8.48 11.59 2.27
N LEU D 303 -9.72 12.00 2.03
CA LEU D 303 -10.65 12.25 3.13
C LEU D 303 -11.39 10.99 3.60
N ALA D 304 -11.76 11.03 4.87
CA ALA D 304 -12.58 9.98 5.48
C ALA D 304 -14.05 10.38 5.41
N VAL D 305 -14.78 9.81 4.46
CA VAL D 305 -16.14 10.25 4.18
C VAL D 305 -17.13 9.10 4.02
N TYR D 306 -18.36 9.34 4.50
CA TYR D 306 -19.46 8.39 4.41
C TYR D 306 -20.65 9.10 3.75
N MET D 307 -21.08 8.57 2.61
CA MET D 307 -22.13 9.19 1.81
C MET D 307 -23.39 8.34 1.79
N ILE D 308 -24.53 9.00 1.91
CA ILE D 308 -25.81 8.36 1.67
C ILE D 308 -26.47 9.02 0.48
N THR D 309 -26.87 8.20 -0.49
CA THR D 309 -27.60 8.66 -1.65
C THR D 309 -28.96 7.99 -1.68
N LYS D 310 -29.93 8.67 -2.30
CA LYS D 310 -31.25 8.10 -2.50
C LYS D 310 -31.53 7.99 -4.00
N GLU D 311 -31.49 6.75 -4.51
CA GLU D 311 -31.70 6.52 -5.93
C GLU D 311 -33.15 6.14 -6.20
N GLY D 312 -33.48 4.87 -6.05
CA GLY D 312 -34.85 4.41 -6.24
C GLY D 312 -35.67 4.73 -5.00
N ASP D 313 -36.43 3.74 -4.53
CA ASP D 313 -37.11 3.84 -3.25
C ASP D 313 -36.11 3.64 -2.13
N SER D 314 -34.91 3.19 -2.48
CA SER D 314 -33.91 2.77 -1.51
C SER D 314 -32.75 3.76 -1.39
N PHE D 315 -32.05 3.65 -0.27
CA PHE D 315 -30.85 4.41 -0.03
C PHE D 315 -29.62 3.54 -0.31
N LYS D 316 -28.55 4.17 -0.79
CA LYS D 316 -27.28 3.47 -0.97
C LYS D 316 -26.21 4.20 -0.18
N THR D 317 -25.24 3.44 0.31
CA THR D 317 -24.16 3.98 1.12
C THR D 317 -22.81 3.79 0.44
N TRP D 318 -21.89 4.71 0.73
CA TRP D 318 -20.55 4.66 0.20
C TRP D 318 -19.60 5.20 1.26
N MET D 319 -18.49 4.49 1.47
CA MET D 319 -17.48 4.92 2.42
C MET D 319 -16.11 4.89 1.76
N SER D 320 -15.33 5.95 1.98
CA SER D 320 -13.94 5.96 1.53
C SER D 320 -13.17 4.98 2.40
N PRO D 321 -12.03 4.46 1.89
CA PRO D 321 -11.25 3.54 2.72
C PRO D 321 -10.80 4.18 4.03
N GLN D 322 -10.51 5.48 3.99
CA GLN D 322 -10.08 6.19 5.18
C GLN D 322 -11.18 6.22 6.24
N PHE D 323 -12.44 6.29 5.82
CA PHE D 323 -13.55 6.27 6.76
C PHE D 323 -13.69 4.88 7.40
N LYS D 324 -13.46 3.85 6.61
CA LYS D 324 -13.61 2.47 7.10
C LYS D 324 -12.61 2.16 8.20
N SER D 325 -11.48 2.85 8.21
CA SER D 325 -10.47 2.67 9.25
C SER D 325 -11.01 2.97 10.63
N PHE D 326 -12.08 3.78 10.69
CA PHE D 326 -12.63 4.21 11.97
C PHE D 326 -13.79 3.34 12.46
N LEU D 327 -14.26 2.41 11.61
CA LEU D 327 -15.37 1.54 11.98
C LEU D 327 -15.00 0.59 13.11
N VAL D 328 -15.93 0.40 14.04
CA VAL D 328 -15.77 -0.54 15.15
C VAL D 328 -16.52 -1.83 14.86
N SER D 329 -15.92 -2.95 15.25
CA SER D 329 -16.57 -4.25 15.15
C SER D 329 -16.97 -4.76 16.53
CA CA E . 20.94 -18.85 -11.81
NA NA F . 24.33 -11.68 -31.45
CA CA G . 11.20 25.38 18.53
CA CA H . -11.67 -28.04 -15.24
NA NA I . -11.07 -34.56 -35.69
C1 EDO J . -15.89 -46.06 -16.26
O1 EDO J . -15.41 -46.76 -15.09
C2 EDO J . -14.85 -46.15 -17.37
O2 EDO J . -13.76 -45.28 -17.05
H11 EDO J . -16.08 -45.01 -16.02
H12 EDO J . -16.83 -46.51 -16.60
HO1 EDO J . -16.08 -46.70 -14.39
H21 EDO J . -15.29 -45.85 -18.32
H22 EDO J . -14.49 -47.18 -17.46
HO2 EDO J . -13.09 -45.33 -17.74
C1 EDO K . -32.31 -28.81 -16.15
O1 EDO K . -32.29 -30.24 -16.24
C2 EDO K . -32.38 -28.21 -17.54
O2 EDO K . -33.62 -28.59 -18.17
H11 EDO K . -31.40 -28.46 -15.64
H12 EDO K . -33.17 -28.51 -15.56
HO1 EDO K . -32.24 -30.63 -15.35
H21 EDO K . -31.54 -28.56 -18.14
H22 EDO K . -32.32 -27.12 -17.47
HO2 EDO K . -33.66 -28.20 -19.05
CA CA L . -20.76 22.03 7.39
NA NA M . -20.30 36.42 -8.09
C1 EDO N . -12.51 49.39 10.58
O1 EDO N . -11.61 48.86 9.61
C2 EDO N . -12.02 49.04 11.98
O2 EDO N . -12.98 48.20 12.65
H11 EDO N . -13.51 48.97 10.43
H12 EDO N . -12.58 50.47 10.47
HO1 EDO N . -11.92 49.08 8.72
H21 EDO N . -11.86 49.94 12.55
H22 EDO N . -11.07 48.51 11.90
HO2 EDO N . -12.65 47.98 13.54
C1 EDO O . -17.22 51.49 13.68
O1 EDO O . -17.97 50.92 12.61
C2 EDO O . -16.17 50.50 14.16
O2 EDO O . -15.32 50.13 13.07
H11 EDO O . -17.88 51.77 14.50
H12 EDO O . -16.72 52.42 13.34
HO1 EDO O . -18.64 51.56 12.31
H21 EDO O . -16.67 49.61 14.56
H22 EDO O . -15.57 50.95 14.96
HO2 EDO O . -14.66 49.49 13.38
#